data_2Y6I
#
_entry.id   2Y6I
#
_cell.length_a   58.120
_cell.length_b   108.840
_cell.length_c   181.030
_cell.angle_alpha   90.00
_cell.angle_beta   90.00
_cell.angle_gamma   90.00
#
_symmetry.space_group_name_H-M   'P 21 21 21'
#
loop_
_entity.id
_entity.type
_entity.pdbx_description
1 polymer COLLAGENASE
2 polymer ISOAMYLPHOSPHONYL-GLY-PRO-ALA
3 non-polymer 'ZINC ION'
4 non-polymer 'CITRATE ANION'
5 non-polymer 2-AMINO-2-HYDROXYMETHYL-PROPANE-1,3-DIOL
6 non-polymer DI(HYDROXYETHYL)ETHER
7 non-polymer 'PENTAETHYLENE GLYCOL'
8 water water
#
loop_
_entity_poly.entity_id
_entity_poly.type
_entity_poly.pdbx_seq_one_letter_code
_entity_poly.pdbx_strand_id
1 'polypeptide(L)'
;MGSSHHHHHHSSGENLYFQGGTMYDFEYLNGLSYTELTNLIKNIKWNQINGLFNYSTGSQKFFGDKNRVQAIINALQESG
RTYTANDMKGIETFTEVLRAGFYLGYYNDGLSYLNDRNFQDKCIPAMIAIQKNPNFKLGTAVQDEVITSLGKLIGNASAN
AEVVNNCVPVLKQFRENLNQYAPDYVKGTAVNELIKGIEFDFSGAAYEKDVKTMPWYGKIDPFINELKALGLYGNITSAT
EWASDVGIYYLSKFGLYSTNRNDIVQSLEKAVDMYKYGKIAFVAMERITWDYDGIGSNGKKVDHDKFLDDAEKHYLPKTY
TFDNGTFIIRAGDKVSEEKIKRLYWASREVKSQFHRVVGNDKALEVGNADDVLTMKIFNSPEEYKFNTNINGVSTDNGGL
YIEPRGTFYTYERTPQQSIFSLEELFRHEYTHYLQARYLVDGLWGQGPFYEKNRLTWFDEGTAEFFAGSTRTSGVLPRKL
ILGYLAKDKVDHRYSLKKTLNSGYDDSDWMFYNYGFAVAHYLYEKDMPTFIKMNKAILNTDVKSYDEIIKKLSDDANKNT
EYQNHIQELVDKYQGAGIPLVSDDYLKDHGYKKASEVYSEISKAASLTNTSVTAEKSQYFNTFTLRGTYTGETSKGEFKD
WDEMSKKLDGTLESLAKNSWSGYKTLTAYFTNYRVTSDNKVQYDVVFHGVLTDNGDISNNKAPIAKVTGPSTGAVGRNIE
FSGKDSKDEDGKIVSYDWDFGDGATSRGKNSVHAYKKAGTYNVTLKVTDDKGATATESFTIEIKN
;
A
2 'polypeptide(L)' (IPI)GPA B
#
loop_
_chem_comp.id
_chem_comp.type
_chem_comp.name
_chem_comp.formula
1PE non-polymer 'PENTAETHYLENE GLYCOL' 'C10 H22 O6'
FLC non-polymer 'CITRATE ANION' 'C6 H5 O7 -3'
IPI non-polymer '3-methylbutylphosphonic acid' 'C5 H13 O3 P'
PEG non-polymer DI(HYDROXYETHYL)ETHER 'C4 H10 O3'
TRS non-polymer 2-AMINO-2-HYDROXYMETHYL-PROPANE-1,3-DIOL 'C4 H12 N O3 1'
ZN non-polymer 'ZINC ION' 'Zn 2'
#
# COMPACT_ATOMS: atom_id res chain seq x y z
N THR A 22 -35.60 27.28 -12.28
CA THR A 22 -36.80 26.49 -11.86
C THR A 22 -36.55 24.99 -11.91
N MET A 23 -37.36 24.24 -11.17
CA MET A 23 -37.28 22.79 -11.10
C MET A 23 -38.51 22.18 -11.77
N TYR A 24 -38.30 21.17 -12.62
CA TYR A 24 -39.39 20.51 -13.36
C TYR A 24 -39.66 19.11 -12.82
N ASP A 25 -40.93 18.81 -12.58
CA ASP A 25 -41.33 17.51 -12.02
C ASP A 25 -41.61 16.47 -13.10
N PHE A 26 -41.62 15.19 -12.71
CA PHE A 26 -41.73 14.07 -13.64
C PHE A 26 -43.17 13.77 -14.09
N GLU A 27 -44.13 13.99 -13.18
CA GLU A 27 -45.55 13.76 -13.46
C GLU A 27 -46.07 14.76 -14.48
N TYR A 28 -45.44 15.94 -14.51
CA TYR A 28 -45.71 17.02 -15.45
C TYR A 28 -45.47 16.59 -16.90
N LEU A 29 -44.26 16.12 -17.18
CA LEU A 29 -43.78 15.81 -18.54
C LEU A 29 -44.64 14.81 -19.30
N ASN A 30 -45.23 13.86 -18.57
CA ASN A 30 -46.16 12.90 -19.16
C ASN A 30 -47.31 13.61 -19.86
N GLY A 31 -47.82 14.67 -19.24
CA GLY A 31 -48.84 15.53 -19.82
C GLY A 31 -48.24 16.65 -20.65
N LEU A 32 -47.58 16.28 -21.75
CA LEU A 32 -47.03 17.23 -22.71
C LEU A 32 -47.01 16.59 -24.08
N SER A 33 -46.91 17.44 -25.11
CA SER A 33 -46.63 16.96 -26.46
C SER A 33 -45.14 16.66 -26.54
N TYR A 34 -44.78 15.73 -27.42
CA TYR A 34 -43.38 15.41 -27.65
C TYR A 34 -42.64 16.64 -28.15
N THR A 35 -43.32 17.39 -29.01
CA THR A 35 -42.81 18.63 -29.58
C THR A 35 -42.39 19.65 -28.51
N GLU A 36 -43.25 19.84 -27.51
CA GLU A 36 -42.95 20.74 -26.40
C GLU A 36 -41.96 20.13 -25.42
N LEU A 37 -42.06 18.81 -25.23
CA LEU A 37 -41.19 18.06 -24.33
C LEU A 37 -39.72 18.11 -24.75
N THR A 38 -39.48 17.83 -26.03
CA THR A 38 -38.12 17.77 -26.59
C THR A 38 -37.46 19.16 -26.61
N ASN A 39 -38.24 20.18 -26.96
CA ASN A 39 -37.74 21.55 -26.91
C ASN A 39 -37.49 22.00 -25.47
N LEU A 40 -38.29 21.47 -24.55
CA LEU A 40 -38.10 21.71 -23.11
C LEU A 40 -36.81 21.08 -22.59
N ILE A 41 -36.64 19.79 -22.86
CA ILE A 41 -35.42 19.06 -22.48
C ILE A 41 -34.18 19.73 -23.07
N LYS A 42 -34.32 20.21 -24.31
CA LYS A 42 -33.29 20.93 -25.05
C LYS A 42 -32.78 22.17 -24.29
N ASN A 43 -33.68 22.90 -23.65
CA ASN A 43 -33.33 24.12 -22.92
C ASN A 43 -32.81 23.86 -21.51
N ILE A 44 -33.39 22.88 -20.84
CA ILE A 44 -33.07 22.59 -19.44
C ILE A 44 -31.79 21.78 -19.29
N LYS A 45 -31.23 21.77 -18.07
CA LYS A 45 -30.14 20.88 -17.70
C LYS A 45 -30.72 19.62 -17.06
N TRP A 46 -29.98 18.52 -17.12
CA TRP A 46 -30.49 17.20 -16.70
C TRP A 46 -30.92 17.12 -15.23
N ASN A 47 -30.21 17.83 -14.36
CA ASN A 47 -30.38 17.73 -12.91
C ASN A 47 -31.67 18.35 -12.37
N GLN A 48 -32.36 19.11 -13.22
CA GLN A 48 -33.59 19.80 -12.85
C GLN A 48 -34.80 18.87 -12.69
N ILE A 49 -34.73 17.71 -13.34
CA ILE A 49 -35.82 16.73 -13.31
C ILE A 49 -35.79 15.88 -12.04
N ASN A 50 -36.91 15.84 -11.32
CA ASN A 50 -37.03 15.09 -10.06
C ASN A 50 -37.03 13.58 -10.25
N GLY A 51 -36.18 12.89 -9.49
CA GLY A 51 -36.10 11.42 -9.53
C GLY A 51 -35.99 10.82 -10.93
N LEU A 52 -35.10 11.39 -11.74
CA LEU A 52 -34.87 10.97 -13.13
C LEU A 52 -34.34 9.54 -13.24
N PHE A 53 -33.61 9.11 -12.20
CA PHE A 53 -33.07 7.75 -12.13
C PHE A 53 -33.82 6.87 -11.11
N ASN A 54 -34.77 7.48 -10.41
CA ASN A 54 -35.67 6.75 -9.50
C ASN A 54 -36.78 6.07 -10.28
N TYR A 55 -37.10 4.83 -9.90
CA TYR A 55 -38.23 4.11 -10.51
C TYR A 55 -39.52 4.38 -9.75
N SER A 56 -40.46 5.02 -10.43
CA SER A 56 -41.74 5.35 -9.85
C SER A 56 -42.89 4.98 -10.79
N THR A 57 -44.11 5.15 -10.30
CA THR A 57 -45.30 4.99 -11.12
C THR A 57 -45.35 6.07 -12.20
N GLY A 58 -44.76 7.23 -11.89
CA GLY A 58 -44.69 8.36 -12.82
C GLY A 58 -43.63 8.21 -13.88
N SER A 59 -42.49 7.62 -13.51
CA SER A 59 -41.39 7.41 -14.45
C SER A 59 -41.64 6.23 -15.37
N GLN A 60 -42.58 5.36 -14.98
CA GLN A 60 -42.94 4.19 -15.77
C GLN A 60 -43.66 4.61 -17.06
N LYS A 61 -44.65 5.48 -16.92
CA LYS A 61 -45.48 5.93 -18.05
C LYS A 61 -44.67 6.72 -19.08
N PHE A 62 -43.71 7.52 -18.59
CA PHE A 62 -42.83 8.32 -19.43
C PHE A 62 -42.01 7.46 -20.39
N PHE A 63 -41.20 6.57 -19.81
CA PHE A 63 -40.34 5.67 -20.58
C PHE A 63 -41.13 4.52 -21.22
N GLY A 64 -42.32 4.24 -20.68
CA GLY A 64 -43.21 3.20 -21.21
C GLY A 64 -43.73 3.51 -22.61
N ASP A 65 -43.80 4.79 -22.94
CA ASP A 65 -44.21 5.22 -24.27
C ASP A 65 -43.04 5.12 -25.23
N LYS A 66 -43.08 4.11 -26.11
CA LYS A 66 -42.04 3.89 -27.11
C LYS A 66 -41.91 5.11 -28.03
N ASN A 67 -43.04 5.79 -28.27
CA ASN A 67 -43.07 7.00 -29.08
C ASN A 67 -42.42 8.19 -28.37
N ARG A 68 -42.57 8.25 -27.04
CA ARG A 68 -41.99 9.32 -26.25
C ARG A 68 -40.47 9.32 -26.38
N VAL A 69 -39.86 8.14 -26.18
CA VAL A 69 -38.40 8.02 -26.28
C VAL A 69 -37.89 8.19 -27.71
N GLN A 70 -38.65 7.67 -28.68
CA GLN A 70 -38.31 7.81 -30.10
C GLN A 70 -38.24 9.28 -30.51
N ALA A 71 -39.10 10.10 -29.91
CA ALA A 71 -39.07 11.54 -30.14
C ALA A 71 -37.76 12.15 -29.62
N ILE A 72 -37.39 11.79 -28.40
CA ILE A 72 -36.17 12.28 -27.75
C ILE A 72 -34.91 11.91 -28.56
N ILE A 73 -34.91 10.70 -29.12
CA ILE A 73 -33.83 10.26 -30.00
C ILE A 73 -33.77 11.10 -31.27
N ASN A 74 -34.93 11.27 -31.92
CA ASN A 74 -35.02 12.08 -33.14
C ASN A 74 -34.64 13.53 -32.89
N ALA A 75 -34.96 14.03 -31.70
CA ALA A 75 -34.60 15.37 -31.29
C ALA A 75 -33.08 15.45 -31.12
N LEU A 76 -32.50 14.37 -30.60
CA LEU A 76 -31.05 14.27 -30.43
C LEU A 76 -30.34 14.20 -31.78
N GLN A 77 -30.95 13.50 -32.73
CA GLN A 77 -30.40 13.34 -34.08
C GLN A 77 -30.39 14.67 -34.84
N GLU A 78 -31.46 15.43 -34.74
CA GLU A 78 -31.52 16.78 -35.31
C GLU A 78 -30.61 17.72 -34.53
N SER A 79 -30.59 17.55 -33.21
CA SER A 79 -29.73 18.33 -32.32
C SER A 79 -28.24 18.05 -32.58
N GLY A 80 -27.94 16.82 -32.98
CA GLY A 80 -26.57 16.41 -33.30
C GLY A 80 -26.08 16.94 -34.63
N ARG A 81 -27.02 17.11 -35.56
CA ARG A 81 -26.71 17.62 -36.91
C ARG A 81 -26.40 19.12 -36.94
N THR A 82 -26.78 19.83 -35.87
CA THR A 82 -26.75 21.29 -35.86
C THR A 82 -25.73 21.94 -34.93
N TYR A 83 -25.41 21.27 -33.82
CA TYR A 83 -24.65 21.87 -32.71
C TYR A 83 -23.34 22.56 -33.11
N THR A 84 -23.03 23.65 -32.41
CA THR A 84 -21.84 24.44 -32.69
C THR A 84 -20.94 24.58 -31.45
N ALA A 85 -19.84 25.31 -31.61
CA ALA A 85 -18.86 25.54 -30.54
C ALA A 85 -19.46 26.23 -29.31
N ASN A 86 -20.41 27.14 -29.53
CA ASN A 86 -21.07 27.85 -28.44
C ASN A 86 -22.39 27.19 -28.01
N ASP A 87 -23.21 26.83 -29.00
CA ASP A 87 -24.53 26.25 -28.75
C ASP A 87 -24.44 24.74 -28.53
N MET A 88 -24.85 24.32 -27.34
CA MET A 88 -24.90 22.91 -26.96
C MET A 88 -26.00 22.18 -27.75
N LYS A 89 -27.11 22.89 -27.99
CA LYS A 89 -28.34 22.32 -28.55
C LYS A 89 -28.96 21.28 -27.61
N GLY A 90 -28.53 21.32 -26.35
CA GLY A 90 -29.07 20.47 -25.29
C GLY A 90 -28.70 19.01 -25.40
N ILE A 91 -27.58 18.70 -26.07
CA ILE A 91 -27.15 17.32 -26.27
C ILE A 91 -26.80 16.63 -24.95
N GLU A 92 -26.15 17.34 -24.05
CA GLU A 92 -25.80 16.83 -22.72
C GLU A 92 -27.04 16.32 -21.99
N THR A 93 -28.12 17.12 -22.07
CA THR A 93 -29.38 16.79 -21.40
C THR A 93 -30.10 15.63 -22.10
N PHE A 94 -30.11 15.63 -23.42
CA PHE A 94 -30.72 14.54 -24.20
C PHE A 94 -30.09 13.18 -23.85
N THR A 95 -28.76 13.13 -23.85
CA THR A 95 -28.03 11.90 -23.55
C THR A 95 -28.39 11.35 -22.16
N GLU A 96 -28.31 12.20 -21.15
CA GLU A 96 -28.56 11.80 -19.77
C GLU A 96 -29.98 11.26 -19.54
N VAL A 97 -30.94 11.81 -20.27
CA VAL A 97 -32.32 11.36 -20.19
C VAL A 97 -32.47 9.95 -20.77
N LEU A 98 -31.94 9.73 -21.97
CA LEU A 98 -31.95 8.41 -22.59
C LEU A 98 -31.13 7.41 -21.76
N ARG A 99 -30.04 7.89 -21.18
CA ARG A 99 -29.20 7.09 -20.29
C ARG A 99 -29.99 6.61 -19.07
N ALA A 100 -30.78 7.53 -18.50
CA ALA A 100 -31.66 7.23 -17.37
C ALA A 100 -32.67 6.14 -17.72
N GLY A 101 -33.14 6.15 -18.95
CA GLY A 101 -34.07 5.14 -19.46
C GLY A 101 -33.52 3.72 -19.39
N PHE A 102 -32.39 3.50 -20.06
CA PHE A 102 -31.76 2.19 -20.11
C PHE A 102 -31.29 1.71 -18.74
N TYR A 103 -30.92 2.66 -17.88
CA TYR A 103 -30.57 2.39 -16.50
C TYR A 103 -31.75 1.74 -15.77
N LEU A 104 -32.93 2.33 -15.95
CA LEU A 104 -34.17 1.84 -15.35
C LEU A 104 -34.66 0.58 -16.04
N GLY A 105 -34.38 0.49 -17.34
CA GLY A 105 -34.75 -0.68 -18.15
C GLY A 105 -33.94 -1.92 -17.82
N TYR A 106 -32.78 -1.71 -17.18
CA TYR A 106 -31.94 -2.80 -16.70
C TYR A 106 -32.48 -3.36 -15.38
N TYR A 107 -32.69 -2.48 -14.41
CA TYR A 107 -33.12 -2.90 -13.07
C TYR A 107 -34.62 -3.22 -12.92
N ASN A 108 -35.45 -2.74 -13.86
CA ASN A 108 -36.91 -2.97 -13.77
C ASN A 108 -37.56 -3.74 -14.91
N ASP A 109 -38.33 -4.76 -14.53
CA ASP A 109 -39.04 -5.63 -15.47
C ASP A 109 -40.12 -4.90 -16.26
N GLY A 110 -40.47 -3.69 -15.81
CA GLY A 110 -41.51 -2.88 -16.46
C GLY A 110 -41.10 -2.21 -17.76
N LEU A 111 -39.82 -1.88 -17.88
CA LEU A 111 -39.30 -1.19 -19.06
C LEU A 111 -38.29 -2.07 -19.81
N SER A 112 -38.65 -3.35 -19.97
CA SER A 112 -37.77 -4.39 -20.51
C SER A 112 -37.36 -4.22 -21.97
N TYR A 113 -38.16 -3.46 -22.74
CA TYR A 113 -37.89 -3.27 -24.16
C TYR A 113 -36.68 -2.36 -24.39
N LEU A 114 -36.36 -1.54 -23.39
CA LEU A 114 -35.19 -0.67 -23.42
C LEU A 114 -33.90 -1.48 -23.21
N ASN A 115 -34.02 -2.53 -22.39
CA ASN A 115 -32.91 -3.45 -22.13
C ASN A 115 -32.48 -4.24 -23.38
N ASP A 116 -33.45 -4.48 -24.28
CA ASP A 116 -33.19 -5.17 -25.54
C ASP A 116 -32.22 -4.38 -26.43
N ARG A 117 -31.18 -5.06 -26.90
CA ARG A 117 -30.14 -4.45 -27.73
C ARG A 117 -30.64 -3.91 -29.07
N ASN A 118 -31.69 -4.56 -29.61
CA ASN A 118 -32.29 -4.17 -30.88
C ASN A 118 -32.93 -2.78 -30.88
N PHE A 119 -33.47 -2.37 -29.73
CA PHE A 119 -34.07 -1.04 -29.59
C PHE A 119 -33.02 0.05 -29.35
N GLN A 120 -31.95 -0.32 -28.65
CA GLN A 120 -30.84 0.59 -28.37
C GLN A 120 -30.14 1.02 -29.66
N ASP A 121 -30.25 0.18 -30.69
CA ASP A 121 -29.71 0.48 -32.01
C ASP A 121 -30.40 1.67 -32.68
N LYS A 122 -31.54 2.07 -32.12
CA LYS A 122 -32.26 3.25 -32.62
C LYS A 122 -31.54 4.55 -32.28
N CYS A 123 -30.59 4.48 -31.35
CA CYS A 123 -29.78 5.64 -30.93
C CYS A 123 -28.61 5.92 -31.87
N ILE A 124 -28.23 4.91 -32.65
CA ILE A 124 -27.08 4.98 -33.57
C ILE A 124 -27.10 6.16 -34.57
N PRO A 125 -28.22 6.36 -35.30
CA PRO A 125 -28.27 7.51 -36.21
C PRO A 125 -28.11 8.87 -35.50
N ALA A 126 -28.50 8.93 -34.24
CA ALA A 126 -28.32 10.13 -33.42
C ALA A 126 -26.84 10.35 -33.11
N MET A 127 -26.15 9.26 -32.78
CA MET A 127 -24.71 9.28 -32.52
C MET A 127 -23.95 9.72 -33.77
N ILE A 128 -24.29 9.09 -34.90
CA ILE A 128 -23.66 9.40 -36.19
C ILE A 128 -23.85 10.86 -36.58
N ALA A 129 -25.02 11.42 -36.24
CA ALA A 129 -25.31 12.83 -36.50
C ALA A 129 -24.28 13.74 -35.84
N ILE A 130 -23.95 13.44 -34.59
CA ILE A 130 -22.92 14.16 -33.85
C ILE A 130 -21.55 13.98 -34.53
N GLN A 131 -21.31 12.75 -35.01
CA GLN A 131 -20.03 12.39 -35.65
C GLN A 131 -19.80 13.06 -37.01
N LYS A 132 -20.86 13.12 -37.84
CA LYS A 132 -20.78 13.72 -39.17
C LYS A 132 -20.76 15.25 -39.14
N ASN A 133 -21.18 15.82 -38.01
CA ASN A 133 -21.09 17.27 -37.76
C ASN A 133 -19.63 17.73 -37.74
N PRO A 134 -19.33 18.85 -38.45
CA PRO A 134 -17.96 19.39 -38.52
C PRO A 134 -17.37 19.77 -37.16
N ASN A 135 -18.23 19.91 -36.15
CA ASN A 135 -17.80 20.26 -34.80
C ASN A 135 -17.48 19.05 -33.92
N PHE A 136 -17.16 17.91 -34.54
CA PHE A 136 -16.90 16.70 -33.77
C PHE A 136 -15.54 16.68 -33.10
N LYS A 137 -14.59 17.44 -33.64
CA LYS A 137 -13.26 17.59 -33.03
C LYS A 137 -13.36 18.17 -31.62
N LEU A 138 -12.38 17.89 -30.77
CA LEU A 138 -12.34 18.46 -29.43
C LEU A 138 -11.60 19.79 -29.41
N GLY A 139 -12.23 20.83 -28.86
CA GLY A 139 -11.64 22.16 -28.81
C GLY A 139 -12.23 23.02 -27.70
N THR A 140 -13.51 23.33 -27.83
CA THR A 140 -14.22 24.14 -26.84
C THR A 140 -14.85 23.30 -25.73
N ALA A 141 -15.24 23.97 -24.65
CA ALA A 141 -15.91 23.33 -23.51
C ALA A 141 -17.15 22.53 -23.89
N VAL A 142 -17.85 23.00 -24.93
CA VAL A 142 -19.03 22.31 -25.46
C VAL A 142 -18.62 21.01 -26.17
N GLN A 143 -17.74 21.14 -27.17
CA GLN A 143 -17.22 20.00 -27.94
C GLN A 143 -16.55 18.91 -27.08
N ASP A 144 -15.93 19.33 -25.98
CA ASP A 144 -15.29 18.40 -25.05
C ASP A 144 -16.33 17.57 -24.28
N GLU A 145 -17.34 18.23 -23.73
CA GLU A 145 -18.42 17.55 -23.01
C GLU A 145 -19.41 16.84 -23.94
N VAL A 146 -19.39 17.19 -25.23
CA VAL A 146 -20.21 16.51 -26.24
C VAL A 146 -19.68 15.09 -26.47
N ILE A 147 -18.37 14.96 -26.58
CA ILE A 147 -17.71 13.66 -26.71
C ILE A 147 -17.85 12.86 -25.41
N THR A 148 -17.76 13.57 -24.28
CA THR A 148 -18.00 12.99 -22.97
C THR A 148 -19.36 12.30 -22.94
N SER A 149 -20.42 13.04 -23.28
CA SER A 149 -21.79 12.54 -23.24
C SER A 149 -22.09 11.44 -24.26
N LEU A 150 -21.33 11.41 -25.36
CA LEU A 150 -21.48 10.40 -26.40
C LEU A 150 -20.95 9.05 -25.91
N GLY A 151 -19.76 9.06 -25.34
CA GLY A 151 -19.14 7.85 -24.80
C GLY A 151 -19.94 7.25 -23.67
N LYS A 152 -20.44 8.11 -22.77
CA LYS A 152 -21.27 7.69 -21.64
C LYS A 152 -22.56 7.06 -22.12
N LEU A 153 -23.06 7.54 -23.27
CA LEU A 153 -24.28 7.00 -23.86
C LEU A 153 -24.05 5.61 -24.47
N ILE A 154 -22.96 5.46 -25.22
CA ILE A 154 -22.65 4.19 -25.88
C ILE A 154 -22.60 3.04 -24.88
N GLY A 155 -21.99 3.30 -23.72
CA GLY A 155 -21.92 2.31 -22.64
C GLY A 155 -23.27 1.75 -22.28
N ASN A 156 -24.26 2.62 -22.10
CA ASN A 156 -25.63 2.24 -21.72
C ASN A 156 -26.48 1.75 -22.89
N ALA A 157 -26.22 2.30 -24.08
CA ALA A 157 -26.92 1.93 -25.31
C ALA A 157 -26.13 0.86 -26.08
N SER A 158 -25.94 1.08 -27.38
CA SER A 158 -25.14 0.18 -28.22
C SER A 158 -24.46 0.93 -29.36
N ALA A 159 -23.35 0.37 -29.85
CA ALA A 159 -22.64 0.90 -31.00
C ALA A 159 -22.34 -0.20 -32.02
N ASN A 160 -22.09 0.19 -33.26
CA ASN A 160 -21.62 -0.74 -34.28
C ASN A 160 -20.25 -0.30 -34.83
N ALA A 161 -19.70 -1.10 -35.73
CA ALA A 161 -18.39 -0.84 -36.34
C ALA A 161 -18.27 0.57 -36.94
N GLU A 162 -19.31 1.02 -37.63
CA GLU A 162 -19.32 2.32 -38.30
C GLU A 162 -19.26 3.50 -37.30
N VAL A 163 -19.95 3.34 -36.17
CA VAL A 163 -19.92 4.34 -35.10
C VAL A 163 -18.53 4.43 -34.47
N VAL A 164 -17.92 3.26 -34.27
CA VAL A 164 -16.59 3.14 -33.66
C VAL A 164 -15.49 3.77 -34.53
N ASN A 165 -15.49 3.43 -35.81
CA ASN A 165 -14.46 3.92 -36.74
C ASN A 165 -14.52 5.42 -37.01
N ASN A 166 -15.65 6.05 -36.70
CA ASN A 166 -15.79 7.50 -36.84
C ASN A 166 -15.24 8.29 -35.64
N CYS A 167 -14.75 7.57 -34.64
CA CYS A 167 -14.06 8.19 -33.49
C CYS A 167 -12.59 8.46 -33.79
N VAL A 168 -12.08 7.83 -34.84
CA VAL A 168 -10.67 7.96 -35.23
C VAL A 168 -10.17 9.42 -35.41
N PRO A 169 -10.95 10.30 -36.08
CA PRO A 169 -10.54 11.71 -36.16
C PRO A 169 -10.34 12.41 -34.81
N VAL A 170 -10.98 11.91 -33.76
CA VAL A 170 -10.84 12.46 -32.41
C VAL A 170 -9.55 11.95 -31.74
N LEU A 171 -9.31 10.65 -31.87
CA LEU A 171 -8.14 10.01 -31.28
C LEU A 171 -6.84 10.37 -31.98
N LYS A 172 -6.93 10.62 -33.29
CA LYS A 172 -5.80 11.08 -34.08
C LYS A 172 -5.44 12.51 -33.67
N GLN A 173 -6.47 13.34 -33.48
CA GLN A 173 -6.31 14.72 -33.03
C GLN A 173 -5.75 14.82 -31.62
N PHE A 174 -6.26 13.97 -30.73
CA PHE A 174 -5.83 13.89 -29.34
C PHE A 174 -4.37 13.45 -29.24
N ARG A 175 -3.97 12.51 -30.09
CA ARG A 175 -2.60 12.02 -30.11
C ARG A 175 -1.64 13.05 -30.71
N GLU A 176 -2.10 13.75 -31.75
CA GLU A 176 -1.28 14.76 -32.43
C GLU A 176 -0.94 15.96 -31.53
N ASN A 177 -1.88 16.34 -30.67
CA ASN A 177 -1.62 17.36 -29.66
C ASN A 177 -1.71 16.77 -28.25
N LEU A 178 -1.02 15.64 -28.04
CA LEU A 178 -1.06 14.88 -26.78
C LEU A 178 -0.53 15.66 -25.59
N ASN A 179 0.65 16.25 -25.74
CA ASN A 179 1.32 16.97 -24.66
C ASN A 179 0.53 18.14 -24.08
N GLN A 180 -0.33 18.73 -24.91
CA GLN A 180 -1.22 19.80 -24.45
C GLN A 180 -2.52 19.25 -23.87
N TYR A 181 -3.10 18.25 -24.54
CA TYR A 181 -4.43 17.74 -24.21
C TYR A 181 -4.49 16.78 -23.01
N ALA A 182 -3.61 15.77 -23.02
CA ALA A 182 -3.59 14.74 -21.97
C ALA A 182 -3.54 15.27 -20.54
N PRO A 183 -2.70 16.30 -20.27
CA PRO A 183 -2.68 16.84 -18.91
C PRO A 183 -3.98 17.54 -18.50
N ASP A 184 -4.75 18.00 -19.49
CA ASP A 184 -6.03 18.64 -19.21
C ASP A 184 -7.03 17.58 -18.77
N TYR A 185 -7.72 17.88 -17.67
CA TYR A 185 -8.73 16.99 -17.13
C TYR A 185 -9.88 16.79 -18.12
N VAL A 186 -10.43 17.90 -18.60
CA VAL A 186 -11.63 17.89 -19.44
C VAL A 186 -11.39 17.14 -20.76
N LYS A 187 -10.38 17.58 -21.51
CA LYS A 187 -10.01 16.97 -22.79
C LYS A 187 -9.63 15.50 -22.61
N GLY A 188 -8.90 15.22 -21.53
CA GLY A 188 -8.47 13.87 -21.19
C GLY A 188 -9.65 12.96 -20.92
N THR A 189 -10.47 13.35 -19.95
CA THR A 189 -11.65 12.58 -19.56
C THR A 189 -12.54 12.30 -20.78
N ALA A 190 -12.67 13.29 -21.66
CA ALA A 190 -13.48 13.14 -22.87
C ALA A 190 -13.08 11.90 -23.69
N VAL A 191 -11.80 11.80 -24.03
CA VAL A 191 -11.29 10.68 -24.85
C VAL A 191 -11.40 9.35 -24.09
N ASN A 192 -11.07 9.40 -22.81
CA ASN A 192 -11.19 8.24 -21.93
C ASN A 192 -12.60 7.68 -21.93
N GLU A 193 -13.57 8.53 -21.59
CA GLU A 193 -14.98 8.13 -21.52
C GLU A 193 -15.50 7.59 -22.85
N LEU A 194 -14.97 8.13 -23.95
CA LEU A 194 -15.33 7.68 -25.29
C LEU A 194 -14.90 6.22 -25.49
N ILE A 195 -13.65 5.92 -25.17
CA ILE A 195 -13.14 4.56 -25.34
C ILE A 195 -13.72 3.65 -24.25
N LYS A 196 -13.67 4.11 -23.00
CA LYS A 196 -14.17 3.35 -21.86
C LYS A 196 -15.59 2.86 -22.11
N GLY A 197 -16.39 3.71 -22.76
CA GLY A 197 -17.79 3.42 -23.05
C GLY A 197 -18.03 2.43 -24.18
N ILE A 198 -17.25 2.55 -25.26
CA ILE A 198 -17.38 1.65 -26.41
C ILE A 198 -16.94 0.24 -26.05
N GLU A 199 -15.89 0.13 -25.23
CA GLU A 199 -15.44 -1.15 -24.70
C GLU A 199 -16.50 -1.75 -23.79
N PHE A 200 -17.14 -0.91 -22.97
CA PHE A 200 -18.18 -1.35 -22.04
C PHE A 200 -19.36 -2.03 -22.75
N ASP A 201 -19.83 -1.42 -23.84
CA ASP A 201 -20.95 -1.97 -24.60
C ASP A 201 -20.56 -3.28 -25.27
N PHE A 202 -19.41 -3.26 -25.92
CA PHE A 202 -18.87 -4.39 -26.66
C PHE A 202 -18.62 -5.62 -25.78
N SER A 203 -17.97 -5.41 -24.62
CA SER A 203 -17.62 -6.48 -23.70
C SER A 203 -18.85 -7.17 -23.10
N GLY A 204 -19.94 -6.41 -22.95
CA GLY A 204 -21.22 -6.97 -22.54
C GLY A 204 -21.96 -7.63 -23.69
N ALA A 205 -21.77 -7.09 -24.89
CA ALA A 205 -22.44 -7.57 -26.10
C ALA A 205 -21.98 -8.98 -26.51
N ALA A 206 -20.73 -9.30 -26.21
CA ALA A 206 -20.18 -10.63 -26.47
C ALA A 206 -19.79 -11.31 -25.16
N TYR A 207 -20.66 -11.20 -24.16
CA TYR A 207 -20.35 -11.62 -22.78
C TYR A 207 -19.73 -13.02 -22.69
N GLU A 208 -20.46 -14.04 -23.12
CA GLU A 208 -19.94 -15.39 -23.16
C GLU A 208 -20.05 -15.98 -24.56
N LYS A 209 -20.52 -15.15 -25.49
CA LYS A 209 -20.59 -15.50 -26.90
C LYS A 209 -19.19 -15.50 -27.52
N ASP A 210 -19.05 -16.17 -28.66
CA ASP A 210 -17.81 -16.18 -29.42
C ASP A 210 -17.55 -14.78 -29.97
N VAL A 211 -16.35 -14.24 -29.69
CA VAL A 211 -16.00 -12.88 -30.08
C VAL A 211 -15.92 -12.67 -31.60
N LYS A 212 -15.89 -13.77 -32.35
CA LYS A 212 -15.85 -13.71 -33.82
C LYS A 212 -17.25 -13.58 -34.44
N THR A 213 -18.28 -13.81 -33.64
CA THR A 213 -19.66 -13.74 -34.11
C THR A 213 -20.20 -12.30 -34.16
N MET A 214 -19.40 -11.36 -33.66
CA MET A 214 -19.83 -9.96 -33.57
C MET A 214 -19.76 -9.25 -34.92
N PRO A 215 -20.79 -8.42 -35.22
CA PRO A 215 -20.92 -7.69 -36.47
C PRO A 215 -19.80 -6.67 -36.73
N TRP A 216 -19.07 -6.29 -35.69
CA TRP A 216 -17.95 -5.35 -35.83
C TRP A 216 -16.61 -6.06 -36.05
N TYR A 217 -16.52 -7.31 -35.58
CA TYR A 217 -15.29 -8.11 -35.67
C TYR A 217 -14.61 -8.03 -37.04
N GLY A 218 -13.34 -7.63 -37.04
CA GLY A 218 -12.53 -7.57 -38.26
C GLY A 218 -12.64 -6.30 -39.08
N LYS A 219 -13.61 -5.46 -38.75
CA LYS A 219 -13.83 -4.20 -39.48
C LYS A 219 -13.35 -2.99 -38.67
N ILE A 220 -12.99 -3.23 -37.41
CA ILE A 220 -12.58 -2.17 -36.48
C ILE A 220 -11.09 -1.79 -36.63
N ASP A 221 -10.44 -2.38 -37.64
CA ASP A 221 -9.02 -2.13 -37.93
C ASP A 221 -8.51 -0.67 -37.81
N PRO A 222 -9.25 0.32 -38.35
CA PRO A 222 -8.78 1.71 -38.23
C PRO A 222 -8.76 2.26 -36.79
N PHE A 223 -9.71 1.83 -35.98
CA PHE A 223 -9.79 2.24 -34.58
C PHE A 223 -8.77 1.48 -33.74
N ILE A 224 -8.68 0.17 -33.99
CA ILE A 224 -7.67 -0.72 -33.38
C ILE A 224 -6.26 -0.18 -33.64
N ASN A 225 -6.00 0.20 -34.89
CA ASN A 225 -4.72 0.82 -35.26
C ASN A 225 -4.54 2.24 -34.72
N GLU A 226 -5.65 2.90 -34.41
CA GLU A 226 -5.60 4.23 -33.81
C GLU A 226 -5.13 4.15 -32.35
N LEU A 227 -5.46 3.04 -31.69
CA LEU A 227 -5.03 2.80 -30.30
C LEU A 227 -3.56 2.39 -30.20
N LYS A 228 -3.07 1.70 -31.22
CA LYS A 228 -1.64 1.38 -31.34
C LYS A 228 -0.82 2.65 -31.23
N ALA A 229 -1.05 3.58 -32.16
CA ALA A 229 -0.34 4.84 -32.24
C ALA A 229 -0.31 5.60 -30.92
N LEU A 230 -1.47 5.68 -30.27
CA LEU A 230 -1.59 6.31 -28.96
C LEU A 230 -0.82 5.54 -27.89
N GLY A 231 -1.03 4.22 -27.87
CA GLY A 231 -0.39 3.35 -26.89
C GLY A 231 1.10 3.22 -27.07
N LEU A 232 1.56 3.26 -28.32
CA LEU A 232 2.98 3.14 -28.63
C LEU A 232 3.60 4.50 -28.99
N TYR A 233 3.20 5.53 -28.25
CA TYR A 233 3.70 6.89 -28.43
C TYR A 233 5.17 7.02 -28.03
N GLY A 234 5.60 6.22 -27.07
CA GLY A 234 7.00 6.16 -26.66
C GLY A 234 7.48 7.35 -25.86
N ASN A 235 7.67 8.48 -26.54
CA ASN A 235 8.16 9.70 -25.89
C ASN A 235 7.11 10.30 -24.96
N ILE A 236 7.00 9.71 -23.78
CA ILE A 236 6.00 10.09 -22.81
C ILE A 236 6.63 10.84 -21.64
N THR A 237 5.80 11.63 -20.95
CA THR A 237 6.22 12.32 -19.74
C THR A 237 5.31 11.91 -18.57
N SER A 238 5.53 12.49 -17.40
CA SER A 238 4.71 12.22 -16.21
C SER A 238 3.24 12.56 -16.45
N ALA A 239 3.01 13.62 -17.21
CA ALA A 239 1.67 14.15 -17.44
C ALA A 239 0.89 13.37 -18.49
N THR A 240 1.58 12.62 -19.33
CA THR A 240 0.96 11.94 -20.48
C THR A 240 1.04 10.41 -20.46
N GLU A 241 1.59 9.84 -19.39
CA GLU A 241 1.79 8.38 -19.36
C GLU A 241 0.46 7.62 -19.37
N TRP A 242 -0.49 8.07 -18.56
CA TRP A 242 -1.79 7.44 -18.46
C TRP A 242 -2.48 7.33 -19.81
N ALA A 243 -2.33 8.36 -20.64
CA ALA A 243 -2.99 8.42 -21.94
C ALA A 243 -2.49 7.32 -22.85
N SER A 244 -1.19 7.09 -22.82
CA SER A 244 -0.58 6.02 -23.58
C SER A 244 -0.89 4.67 -22.92
N ASP A 245 -1.02 4.69 -21.59
CA ASP A 245 -1.41 3.52 -20.81
C ASP A 245 -2.80 3.03 -21.25
N VAL A 246 -3.75 3.96 -21.27
CA VAL A 246 -5.09 3.71 -21.80
C VAL A 246 -5.00 3.03 -23.18
N GLY A 247 -4.17 3.62 -24.04
CA GLY A 247 -3.95 3.12 -25.40
C GLY A 247 -3.60 1.65 -25.44
N ILE A 248 -2.67 1.26 -24.59
CA ILE A 248 -2.21 -0.12 -24.56
C ILE A 248 -3.26 -1.06 -23.98
N TYR A 249 -3.85 -0.68 -22.84
CA TYR A 249 -4.87 -1.48 -22.19
C TYR A 249 -6.02 -1.75 -23.16
N TYR A 250 -6.55 -0.69 -23.76
CA TYR A 250 -7.66 -0.82 -24.69
C TYR A 250 -7.26 -1.37 -26.07
N LEU A 251 -5.98 -1.30 -26.40
CA LEU A 251 -5.46 -1.96 -27.60
C LEU A 251 -5.61 -3.48 -27.49
N SER A 252 -5.30 -4.00 -26.31
CA SER A 252 -5.46 -5.42 -26.02
C SER A 252 -6.92 -5.79 -26.12
N LYS A 253 -7.76 -5.07 -25.38
CA LYS A 253 -9.18 -5.37 -25.25
C LYS A 253 -9.97 -5.23 -26.57
N PHE A 254 -9.54 -4.30 -27.44
CA PHE A 254 -10.12 -4.17 -28.77
C PHE A 254 -9.43 -5.06 -29.79
N GLY A 255 -8.22 -5.52 -29.45
CA GLY A 255 -7.46 -6.43 -30.30
C GLY A 255 -8.09 -7.80 -30.45
N LEU A 256 -9.15 -8.02 -29.68
CA LEU A 256 -9.94 -9.24 -29.77
C LEU A 256 -10.92 -9.17 -30.94
N TYR A 257 -10.88 -8.04 -31.65
CA TYR A 257 -11.72 -7.83 -32.83
C TYR A 257 -10.89 -7.54 -34.09
N SER A 258 -9.64 -8.00 -34.06
CA SER A 258 -8.76 -7.98 -35.22
C SER A 258 -8.46 -9.42 -35.60
N THR A 259 -8.58 -9.73 -36.89
CA THR A 259 -8.31 -11.07 -37.39
C THR A 259 -6.85 -11.49 -37.15
N ASN A 260 -5.93 -10.56 -37.36
CA ASN A 260 -4.52 -10.80 -37.07
C ASN A 260 -4.26 -10.73 -35.56
N ARG A 261 -4.25 -11.91 -34.94
CA ARG A 261 -4.02 -12.03 -33.49
C ARG A 261 -2.60 -11.65 -33.11
N ASN A 262 -1.63 -12.20 -33.84
CA ASN A 262 -0.21 -12.00 -33.58
C ASN A 262 0.24 -10.56 -33.79
N ASP A 263 -0.46 -9.83 -34.65
CA ASP A 263 -0.20 -8.41 -34.89
C ASP A 263 -0.39 -7.62 -33.61
N ILE A 264 -1.46 -7.95 -32.88
CA ILE A 264 -1.80 -7.26 -31.65
C ILE A 264 -0.82 -7.59 -30.53
N VAL A 265 -0.56 -8.89 -30.33
CA VAL A 265 0.35 -9.36 -29.29
C VAL A 265 1.75 -8.78 -29.51
N GLN A 266 2.19 -8.75 -30.78
CA GLN A 266 3.47 -8.15 -31.16
C GLN A 266 3.56 -6.69 -30.74
N SER A 267 2.45 -5.95 -30.90
CA SER A 267 2.36 -4.55 -30.49
C SER A 267 2.45 -4.39 -28.97
N LEU A 268 1.89 -5.35 -28.23
CA LEU A 268 1.94 -5.37 -26.76
C LEU A 268 3.35 -5.66 -26.27
N GLU A 269 4.04 -6.54 -26.99
CA GLU A 269 5.40 -6.93 -26.66
C GLU A 269 6.36 -5.75 -26.85
N LYS A 270 6.11 -4.96 -27.89
CA LYS A 270 6.88 -3.75 -28.16
C LYS A 270 6.63 -2.70 -27.07
N ALA A 271 5.41 -2.65 -26.55
CA ALA A 271 5.06 -1.75 -25.46
C ALA A 271 5.80 -2.11 -24.17
N VAL A 272 6.05 -3.40 -23.98
CA VAL A 272 6.88 -3.86 -22.87
C VAL A 272 8.29 -3.31 -23.04
N ASP A 273 8.87 -3.56 -24.22
CA ASP A 273 10.24 -3.15 -24.54
C ASP A 273 10.46 -1.63 -24.58
N MET A 274 9.42 -0.89 -24.95
CA MET A 274 9.49 0.57 -24.99
C MET A 274 9.71 1.19 -23.62
N TYR A 275 8.86 0.83 -22.67
CA TYR A 275 8.88 1.43 -21.34
C TYR A 275 9.33 0.43 -20.29
N LYS A 276 10.22 -0.48 -20.68
CA LYS A 276 10.65 -1.60 -19.83
C LYS A 276 10.84 -1.18 -18.38
N TYR A 277 10.12 -1.89 -17.51
CA TYR A 277 10.10 -1.67 -16.05
C TYR A 277 9.49 -0.34 -15.59
N GLY A 278 8.67 0.25 -16.47
CA GLY A 278 7.78 1.34 -16.11
C GLY A 278 6.35 0.82 -16.01
N LYS A 279 5.41 1.68 -15.63
CA LYS A 279 4.02 1.28 -15.42
C LYS A 279 3.46 0.51 -16.61
N ILE A 280 3.51 1.10 -17.80
CA ILE A 280 2.91 0.51 -19.01
C ILE A 280 3.46 -0.88 -19.33
N ALA A 281 4.72 -1.12 -19.00
CA ALA A 281 5.34 -2.42 -19.21
C ALA A 281 4.58 -3.52 -18.46
N PHE A 282 4.19 -3.23 -17.23
CA PHE A 282 3.46 -4.20 -16.42
C PHE A 282 2.05 -4.39 -16.94
N VAL A 283 1.45 -3.30 -17.42
CA VAL A 283 0.09 -3.35 -17.96
C VAL A 283 0.09 -4.22 -19.22
N ALA A 284 1.00 -3.92 -20.14
CA ALA A 284 1.15 -4.69 -21.36
C ALA A 284 1.33 -6.19 -21.09
N MET A 285 2.15 -6.53 -20.08
CA MET A 285 2.36 -7.92 -19.70
C MET A 285 1.11 -8.56 -19.10
N GLU A 286 0.37 -7.77 -18.32
CA GLU A 286 -0.89 -8.24 -17.76
C GLU A 286 -1.88 -8.53 -18.88
N ARG A 287 -1.83 -7.72 -19.93
CA ARG A 287 -2.73 -7.87 -21.07
C ARG A 287 -2.48 -9.15 -21.85
N ILE A 288 -1.22 -9.55 -21.95
CA ILE A 288 -0.85 -10.76 -22.68
C ILE A 288 -1.28 -12.01 -21.91
N THR A 289 -1.16 -11.98 -20.58
CA THR A 289 -1.49 -13.15 -19.76
C THR A 289 -2.99 -13.31 -19.53
N TRP A 290 -3.70 -12.19 -19.41
CA TRP A 290 -5.13 -12.23 -19.09
C TRP A 290 -6.06 -12.24 -20.30
N ASP A 291 -5.67 -11.58 -21.38
CA ASP A 291 -6.50 -11.50 -22.59
C ASP A 291 -6.07 -12.47 -23.68
N TYR A 292 -4.78 -12.82 -23.70
CA TYR A 292 -4.23 -13.68 -24.75
C TYR A 292 -3.57 -14.92 -24.17
N ASP A 293 -4.04 -15.33 -23.00
CA ASP A 293 -3.69 -16.60 -22.34
C ASP A 293 -2.21 -16.77 -21.95
N GLY A 294 -1.39 -15.77 -22.27
CA GLY A 294 0.03 -15.82 -21.94
C GLY A 294 0.88 -16.37 -23.07
N ILE A 295 0.29 -16.44 -24.26
CA ILE A 295 1.00 -16.90 -25.45
C ILE A 295 1.42 -15.70 -26.29
N GLY A 296 2.73 -15.60 -26.54
CA GLY A 296 3.31 -14.46 -27.26
C GLY A 296 3.10 -14.51 -28.76
N SER A 297 3.59 -13.49 -29.46
CA SER A 297 3.46 -13.41 -30.92
C SER A 297 4.15 -14.58 -31.61
N ASN A 298 5.21 -15.10 -30.99
CA ASN A 298 5.94 -16.24 -31.54
C ASN A 298 5.19 -17.56 -31.42
N GLY A 299 4.25 -17.63 -30.48
CA GLY A 299 3.41 -18.81 -30.32
C GLY A 299 3.74 -19.69 -29.13
N LYS A 300 4.82 -19.37 -28.43
CA LYS A 300 5.17 -20.05 -27.18
C LYS A 300 4.82 -19.18 -25.98
N LYS A 301 4.66 -19.80 -24.82
CA LYS A 301 4.22 -19.12 -23.60
C LYS A 301 5.30 -18.15 -23.08
N VAL A 302 4.91 -16.91 -22.83
CA VAL A 302 5.83 -15.94 -22.23
C VAL A 302 5.98 -16.19 -20.72
N ASP A 303 7.18 -15.97 -20.21
CA ASP A 303 7.47 -16.19 -18.80
C ASP A 303 7.12 -14.94 -17.99
N HIS A 304 5.91 -14.94 -17.42
CA HIS A 304 5.44 -13.85 -16.57
C HIS A 304 6.30 -13.71 -15.33
N ASP A 305 6.70 -14.86 -14.76
CA ASP A 305 7.52 -14.90 -13.55
C ASP A 305 8.92 -14.35 -13.77
N LYS A 306 9.55 -14.71 -14.88
CA LYS A 306 10.89 -14.23 -15.23
C LYS A 306 10.89 -12.71 -15.43
N PHE A 307 9.82 -12.19 -16.02
CA PHE A 307 9.68 -10.75 -16.24
C PHE A 307 9.65 -10.00 -14.91
N LEU A 308 8.81 -10.47 -13.99
CA LEU A 308 8.70 -9.88 -12.66
C LEU A 308 10.01 -9.99 -11.92
N ASP A 309 10.72 -11.09 -12.14
CA ASP A 309 12.03 -11.31 -11.54
C ASP A 309 13.06 -10.33 -12.09
N ASP A 310 13.05 -10.14 -13.40
CA ASP A 310 13.93 -9.18 -14.07
C ASP A 310 13.60 -7.76 -13.66
N ALA A 311 12.32 -7.52 -13.41
CA ALA A 311 11.86 -6.20 -12.98
C ALA A 311 12.39 -5.87 -11.59
N GLU A 312 12.42 -6.87 -10.73
CA GLU A 312 12.91 -6.72 -9.36
C GLU A 312 14.42 -6.46 -9.34
N LYS A 313 15.16 -7.25 -10.12
CA LYS A 313 16.61 -7.07 -10.23
C LYS A 313 16.99 -5.68 -10.71
N HIS A 314 16.17 -5.11 -11.60
CA HIS A 314 16.36 -3.74 -12.08
C HIS A 314 16.29 -2.71 -10.95
N TYR A 315 15.22 -2.81 -10.15
CA TYR A 315 15.00 -1.86 -9.08
C TYR A 315 15.81 -2.17 -7.83
N LEU A 316 16.14 -3.45 -7.64
CA LEU A 316 16.97 -3.88 -6.52
C LEU A 316 18.25 -4.59 -7.01
N PRO A 317 19.18 -3.82 -7.62
CA PRO A 317 20.38 -4.43 -8.17
C PRO A 317 21.39 -4.87 -7.11
N LYS A 318 21.55 -4.09 -6.05
CA LYS A 318 22.55 -4.37 -5.04
C LYS A 318 22.04 -5.37 -4.00
N THR A 319 22.92 -6.25 -3.54
CA THR A 319 22.61 -7.20 -2.47
C THR A 319 23.65 -7.12 -1.36
N TYR A 320 23.18 -7.13 -0.11
CA TYR A 320 24.06 -7.08 1.04
C TYR A 320 23.67 -8.18 2.02
N THR A 321 24.66 -8.96 2.44
CA THR A 321 24.40 -10.17 3.20
C THR A 321 25.07 -10.14 4.56
N PHE A 322 24.30 -10.38 5.60
CA PHE A 322 24.79 -10.35 6.97
C PHE A 322 24.41 -11.61 7.75
N ASP A 323 25.16 -11.89 8.81
CA ASP A 323 24.89 -13.00 9.74
C ASP A 323 24.77 -14.35 9.05
N ASN A 324 25.80 -14.72 8.28
CA ASN A 324 25.83 -15.97 7.53
C ASN A 324 24.64 -16.18 6.58
N GLY A 325 24.24 -15.09 5.92
CA GLY A 325 23.15 -15.14 4.96
C GLY A 325 21.78 -15.37 5.56
N THR A 326 21.54 -14.80 6.74
CA THR A 326 20.23 -14.88 7.41
C THR A 326 19.62 -13.48 7.54
N PHE A 327 20.35 -12.48 7.03
CA PHE A 327 19.97 -11.08 7.07
C PHE A 327 20.41 -10.51 5.72
N ILE A 328 19.51 -10.51 4.74
CA ILE A 328 19.83 -10.06 3.38
C ILE A 328 19.09 -8.79 3.07
N ILE A 329 19.82 -7.74 2.70
CA ILE A 329 19.18 -6.53 2.21
C ILE A 329 19.40 -6.42 0.72
N ARG A 330 18.31 -6.53 -0.04
CA ARG A 330 18.33 -6.26 -1.48
C ARG A 330 17.86 -4.83 -1.68
N ALA A 331 18.75 -3.98 -2.17
CA ALA A 331 18.48 -2.55 -2.20
C ALA A 331 18.74 -1.92 -3.57
N GLY A 332 18.14 -0.74 -3.79
CA GLY A 332 18.32 0.02 -5.01
C GLY A 332 19.73 0.56 -5.14
N ASP A 333 20.17 0.77 -6.37
CA ASP A 333 21.53 1.24 -6.66
C ASP A 333 21.92 2.58 -6.01
N LYS A 334 20.94 3.29 -5.46
CA LYS A 334 21.16 4.63 -4.93
C LYS A 334 21.05 4.76 -3.40
N VAL A 335 20.99 3.63 -2.70
CA VAL A 335 21.00 3.64 -1.23
C VAL A 335 22.38 3.33 -0.67
N SER A 336 22.88 4.26 0.15
CA SER A 336 24.25 4.24 0.68
C SER A 336 24.65 2.95 1.41
N GLU A 337 25.88 2.49 1.17
CA GLU A 337 26.43 1.35 1.91
C GLU A 337 26.46 1.70 3.40
N GLU A 338 26.83 2.95 3.69
CA GLU A 338 26.79 3.51 5.03
C GLU A 338 25.44 3.25 5.71
N LYS A 339 24.35 3.52 5.00
CA LYS A 339 23.00 3.26 5.50
C LYS A 339 22.74 1.78 5.74
N ILE A 340 23.18 0.94 4.80
CA ILE A 340 23.02 -0.51 4.93
C ILE A 340 23.65 -0.95 6.25
N LYS A 341 24.90 -0.56 6.45
CA LYS A 341 25.64 -0.87 7.66
C LYS A 341 24.90 -0.39 8.91
N ARG A 342 24.42 0.85 8.86
CA ARG A 342 23.66 1.45 9.97
C ARG A 342 22.41 0.65 10.31
N LEU A 343 21.71 0.20 9.27
CA LEU A 343 20.51 -0.60 9.44
C LEU A 343 20.80 -1.96 10.08
N TYR A 344 21.92 -2.58 9.70
CA TYR A 344 22.30 -3.81 10.36
C TYR A 344 22.42 -3.57 11.86
N TRP A 345 23.32 -2.66 12.22
CA TRP A 345 23.61 -2.38 13.62
C TRP A 345 22.37 -1.93 14.43
N ALA A 346 21.45 -1.26 13.75
CA ALA A 346 20.21 -0.81 14.39
C ALA A 346 19.32 -1.99 14.78
N SER A 347 19.30 -3.02 13.93
CA SER A 347 18.52 -4.22 14.21
C SER A 347 18.99 -4.88 15.51
N ARG A 348 20.31 -4.86 15.72
CA ARG A 348 20.89 -5.42 16.94
C ARG A 348 20.51 -4.64 18.18
N GLU A 349 20.39 -3.31 18.06
CA GLU A 349 19.97 -2.47 19.18
C GLU A 349 18.52 -2.75 19.56
N VAL A 350 17.66 -2.84 18.56
CA VAL A 350 16.24 -3.07 18.76
C VAL A 350 15.99 -4.49 19.26
N LYS A 351 16.77 -5.44 18.75
CA LYS A 351 16.62 -6.85 19.08
C LYS A 351 16.82 -7.06 20.57
N SER A 352 17.95 -6.58 21.06
CA SER A 352 18.34 -6.75 22.45
C SER A 352 17.32 -6.15 23.44
N GLN A 353 16.79 -4.98 23.14
CA GLN A 353 15.75 -4.40 23.98
C GLN A 353 14.54 -5.31 24.03
N PHE A 354 14.12 -5.80 22.87
CA PHE A 354 12.97 -6.68 22.75
C PHE A 354 13.12 -7.94 23.61
N HIS A 355 14.20 -8.68 23.42
CA HIS A 355 14.46 -9.91 24.18
C HIS A 355 14.55 -9.67 25.69
N ARG A 356 15.01 -8.49 26.08
CA ARG A 356 15.03 -8.08 27.48
C ARG A 356 13.63 -8.03 28.06
N VAL A 357 12.76 -7.26 27.41
CA VAL A 357 11.38 -7.06 27.84
C VAL A 357 10.60 -8.37 27.80
N VAL A 358 10.80 -9.14 26.73
CA VAL A 358 10.01 -10.34 26.47
C VAL A 358 10.56 -11.58 27.20
N GLY A 359 11.87 -11.59 27.45
CA GLY A 359 12.51 -12.67 28.21
C GLY A 359 12.54 -13.99 27.46
N ASN A 360 12.65 -13.90 26.13
CA ASN A 360 12.79 -15.06 25.25
C ASN A 360 13.57 -14.70 23.98
N ASP A 361 14.41 -15.63 23.53
CA ASP A 361 15.19 -15.44 22.31
C ASP A 361 15.16 -16.69 21.44
N LYS A 362 14.58 -17.77 21.95
CA LYS A 362 14.35 -18.98 21.17
C LYS A 362 13.15 -18.74 20.28
N ALA A 363 13.35 -18.79 18.97
CA ALA A 363 12.26 -18.64 18.00
C ALA A 363 11.19 -19.68 18.29
N LEU A 364 9.93 -19.28 18.12
CA LEU A 364 8.82 -20.10 18.60
C LEU A 364 8.55 -21.37 17.78
N GLU A 365 8.87 -21.32 16.49
CA GLU A 365 8.58 -22.45 15.59
C GLU A 365 9.75 -22.84 14.69
N VAL A 366 9.84 -24.14 14.39
CA VAL A 366 10.96 -24.71 13.64
C VAL A 366 10.81 -24.53 12.14
N GLY A 367 11.89 -24.09 11.49
CA GLY A 367 11.96 -24.04 10.04
C GLY A 367 10.93 -23.14 9.37
N ASN A 368 10.66 -22.00 9.98
CA ASN A 368 9.79 -21.01 9.37
C ASN A 368 10.51 -20.12 8.36
N ALA A 369 9.74 -19.34 7.61
CA ALA A 369 10.29 -18.46 6.60
C ALA A 369 11.14 -17.32 7.18
N ASP A 370 10.86 -16.97 8.43
CA ASP A 370 11.60 -15.91 9.12
C ASP A 370 12.97 -16.39 9.64
N ASP A 371 13.34 -17.62 9.32
CA ASP A 371 14.68 -18.13 9.65
C ASP A 371 15.74 -17.34 8.89
N VAL A 372 15.30 -16.72 7.79
CA VAL A 372 16.11 -15.82 6.98
C VAL A 372 15.28 -14.58 6.70
N LEU A 373 15.70 -13.44 7.24
CA LEU A 373 15.00 -12.18 7.00
C LEU A 373 15.55 -11.49 5.76
N THR A 374 14.68 -11.21 4.81
CA THR A 374 15.03 -10.44 3.62
C THR A 374 14.43 -9.05 3.75
N MET A 375 15.23 -8.03 3.42
CA MET A 375 14.77 -6.66 3.48
C MET A 375 15.00 -6.01 2.13
N LYS A 376 13.92 -5.55 1.51
CA LYS A 376 13.99 -4.97 0.18
C LYS A 376 13.75 -3.48 0.25
N ILE A 377 14.75 -2.70 -0.15
CA ILE A 377 14.66 -1.24 -0.02
C ILE A 377 14.80 -0.55 -1.37
N PHE A 378 13.69 0.00 -1.87
CA PHE A 378 13.68 0.73 -3.13
C PHE A 378 14.26 2.13 -2.96
N ASN A 379 14.72 2.73 -4.07
CA ASN A 379 15.39 4.03 -4.04
C ASN A 379 14.53 5.19 -3.57
N SER A 380 13.24 5.13 -3.89
CA SER A 380 12.34 6.25 -3.69
C SER A 380 10.91 5.74 -3.50
N PRO A 381 10.01 6.61 -3.01
CA PRO A 381 8.58 6.27 -2.97
C PRO A 381 8.06 5.97 -4.36
N GLU A 382 8.56 6.71 -5.34
CA GLU A 382 8.19 6.50 -6.74
C GLU A 382 8.52 5.09 -7.18
N GLU A 383 9.74 4.66 -6.90
CA GLU A 383 10.20 3.32 -7.26
C GLU A 383 9.60 2.25 -6.37
N TYR A 384 9.19 2.64 -5.17
CA TYR A 384 8.55 1.73 -4.24
C TYR A 384 7.19 1.25 -4.74
N LYS A 385 6.52 2.09 -5.52
CA LYS A 385 5.16 1.78 -6.00
C LYS A 385 5.10 0.53 -6.86
N PHE A 386 6.19 0.23 -7.56
CA PHE A 386 6.25 -0.92 -8.45
C PHE A 386 6.28 -2.24 -7.68
N ASN A 387 6.59 -2.15 -6.39
CA ASN A 387 6.65 -3.30 -5.50
C ASN A 387 5.36 -4.07 -5.48
N THR A 388 4.24 -3.35 -5.63
CA THR A 388 2.93 -3.97 -5.68
C THR A 388 2.77 -4.85 -6.93
N ASN A 389 3.39 -4.44 -8.03
CA ASN A 389 3.33 -5.19 -9.27
C ASN A 389 4.20 -6.44 -9.21
N ILE A 390 5.35 -6.29 -8.56
CA ILE A 390 6.36 -7.34 -8.52
C ILE A 390 6.06 -8.37 -7.41
N ASN A 391 5.74 -7.88 -6.23
CA ASN A 391 5.53 -8.75 -5.08
C ASN A 391 4.10 -8.80 -4.58
N GLY A 392 3.21 -8.05 -5.25
CA GLY A 392 1.78 -8.09 -4.96
C GLY A 392 1.41 -7.73 -3.54
N VAL A 393 2.10 -6.74 -2.96
CA VAL A 393 1.78 -6.25 -1.62
C VAL A 393 1.39 -4.78 -1.66
N SER A 394 0.64 -4.36 -0.65
CA SER A 394 0.24 -2.96 -0.49
C SER A 394 1.43 -2.02 -0.58
N THR A 395 1.19 -0.83 -1.12
CA THR A 395 2.22 0.17 -1.31
C THR A 395 1.78 1.49 -0.69
N ASP A 396 0.51 1.54 -0.28
CA ASP A 396 -0.04 2.70 0.43
C ASP A 396 0.42 2.67 1.88
N ASN A 397 1.73 2.57 2.06
CA ASN A 397 2.36 2.46 3.38
C ASN A 397 3.82 2.90 3.32
N GLY A 398 4.39 3.19 4.49
CA GLY A 398 5.82 3.48 4.59
C GLY A 398 6.69 2.23 4.50
N GLY A 399 6.17 1.13 5.01
CA GLY A 399 6.86 -0.16 4.94
C GLY A 399 5.89 -1.28 5.23
N LEU A 400 6.32 -2.52 4.99
CA LEU A 400 5.42 -3.66 5.17
C LEU A 400 6.16 -4.97 5.43
N TYR A 401 5.86 -5.60 6.56
CA TYR A 401 6.39 -6.92 6.87
C TYR A 401 5.38 -8.03 6.62
N ILE A 402 5.73 -8.92 5.71
CA ILE A 402 4.94 -10.11 5.44
C ILE A 402 5.63 -11.29 6.12
N GLU A 403 5.04 -11.76 7.22
CA GLU A 403 5.63 -12.82 8.02
C GLU A 403 5.82 -14.17 7.29
N PRO A 404 4.82 -14.62 6.50
CA PRO A 404 4.96 -15.89 5.79
C PRO A 404 6.08 -15.89 4.77
N ARG A 405 6.51 -14.69 4.35
CA ARG A 405 7.66 -14.54 3.46
C ARG A 405 8.90 -14.17 4.25
N GLY A 406 8.73 -13.83 5.53
CA GLY A 406 9.83 -13.32 6.33
C GLY A 406 10.57 -12.24 5.58
N THR A 407 9.81 -11.31 5.01
CA THR A 407 10.36 -10.24 4.19
C THR A 407 9.64 -8.96 4.51
N PHE A 408 10.37 -7.85 4.53
CA PHE A 408 9.73 -6.56 4.67
C PHE A 408 10.29 -5.53 3.69
N TYR A 409 9.39 -4.69 3.18
CA TYR A 409 9.66 -3.80 2.07
C TYR A 409 9.59 -2.35 2.51
N THR A 410 10.45 -1.53 1.93
CA THR A 410 10.47 -0.09 2.21
C THR A 410 11.26 0.65 1.14
N TYR A 411 11.49 1.94 1.36
CA TYR A 411 12.20 2.79 0.40
C TYR A 411 12.99 3.86 1.12
N GLU A 412 14.12 4.25 0.54
CA GLU A 412 14.88 5.40 1.02
C GLU A 412 14.07 6.66 0.77
N ARG A 413 14.19 7.63 1.67
CA ARG A 413 13.37 8.84 1.60
C ARG A 413 14.15 10.08 1.99
N THR A 414 13.81 11.21 1.38
CA THR A 414 14.33 12.51 1.81
C THR A 414 13.51 12.98 3.01
N PRO A 415 14.04 13.95 3.77
CA PRO A 415 13.27 14.51 4.89
C PRO A 415 11.95 15.13 4.44
N GLN A 416 11.90 15.59 3.19
CA GLN A 416 10.74 16.29 2.63
C GLN A 416 9.64 15.31 2.22
N GLN A 417 10.03 14.07 1.91
CA GLN A 417 9.07 13.03 1.55
C GLN A 417 8.37 12.43 2.77
N SER A 418 9.12 12.21 3.85
CA SER A 418 8.55 11.70 5.11
C SER A 418 9.29 12.25 6.33
N ILE A 419 8.56 12.39 7.44
CA ILE A 419 9.13 12.83 8.70
C ILE A 419 9.98 11.75 9.38
N PHE A 420 9.77 10.49 8.99
CA PHE A 420 10.51 9.36 9.52
C PHE A 420 11.60 8.91 8.56
N SER A 421 12.83 8.77 9.09
CA SER A 421 13.98 8.35 8.29
C SER A 421 13.99 6.85 8.03
N LEU A 422 14.84 6.40 7.12
CA LEU A 422 14.91 4.99 6.74
C LEU A 422 15.21 4.10 7.93
N GLU A 423 16.12 4.55 8.80
CA GLU A 423 16.49 3.80 9.99
C GLU A 423 15.29 3.69 10.94
N GLU A 424 14.61 4.81 11.17
CA GLU A 424 13.45 4.87 12.05
C GLU A 424 12.35 3.90 11.64
N LEU A 425 12.04 3.87 10.36
CA LEU A 425 10.99 2.99 9.87
C LEU A 425 11.45 1.54 9.80
N PHE A 426 12.75 1.36 9.50
CA PHE A 426 13.35 0.05 9.54
C PHE A 426 13.19 -0.53 10.94
N ARG A 427 13.36 0.30 11.96
CA ARG A 427 13.29 -0.13 13.35
C ARG A 427 11.87 -0.49 13.75
N HIS A 428 10.90 0.33 13.36
CA HIS A 428 9.48 0.03 13.59
C HIS A 428 9.16 -1.33 12.97
N GLU A 429 9.51 -1.52 11.71
CA GLU A 429 9.25 -2.77 11.04
C GLU A 429 10.00 -3.98 11.63
N TYR A 430 11.26 -3.79 12.00
CA TYR A 430 12.05 -4.89 12.55
C TYR A 430 11.38 -5.48 13.78
N THR A 431 10.70 -4.62 14.54
CA THR A 431 9.97 -5.04 15.73
C THR A 431 8.91 -6.09 15.38
N HIS A 432 8.20 -5.87 14.27
CA HIS A 432 7.20 -6.84 13.78
C HIS A 432 7.79 -8.20 13.49
N TYR A 433 8.98 -8.20 12.86
CA TYR A 433 9.75 -9.42 12.64
C TYR A 433 9.94 -10.16 13.95
N LEU A 434 10.38 -9.43 14.97
CA LEU A 434 10.62 -9.98 16.29
C LEU A 434 9.33 -10.48 16.94
N GLN A 435 8.29 -9.64 16.90
CA GLN A 435 6.99 -9.97 17.48
C GLN A 435 6.51 -11.32 16.94
N ALA A 436 6.50 -11.44 15.62
CA ALA A 436 5.99 -12.62 14.92
C ALA A 436 6.84 -13.86 15.15
N ARG A 437 8.13 -13.66 15.39
CA ARG A 437 9.08 -14.75 15.51
C ARG A 437 9.17 -15.28 16.93
N TYR A 438 9.27 -14.37 17.89
CA TYR A 438 9.64 -14.70 19.26
C TYR A 438 8.53 -14.51 20.28
N LEU A 439 7.40 -13.93 19.88
CA LEU A 439 6.37 -13.57 20.85
C LEU A 439 5.00 -14.20 20.60
N VAL A 440 4.50 -14.07 19.37
CA VAL A 440 3.14 -14.49 19.06
C VAL A 440 3.11 -15.83 18.34
N ASP A 441 2.84 -16.90 19.10
CA ASP A 441 2.81 -18.25 18.56
C ASP A 441 1.73 -18.40 17.50
N GLY A 442 2.10 -19.02 16.37
CA GLY A 442 1.21 -19.10 15.21
C GLY A 442 1.49 -17.94 14.28
N LEU A 443 0.88 -17.97 13.09
CA LEU A 443 1.09 -16.93 12.10
C LEU A 443 0.51 -15.58 12.55
N TRP A 444 1.03 -14.49 11.99
CA TRP A 444 0.64 -13.14 12.40
C TRP A 444 -0.75 -12.80 11.88
N GLY A 445 -1.62 -12.35 12.78
CA GLY A 445 -2.99 -11.98 12.43
C GLY A 445 -3.98 -13.12 12.54
N GLN A 446 -3.46 -14.34 12.67
CA GLN A 446 -4.28 -15.53 12.75
C GLN A 446 -3.97 -16.28 14.04
N GLY A 447 -4.97 -16.41 14.91
CA GLY A 447 -4.81 -17.10 16.18
C GLY A 447 -5.74 -16.55 17.24
N PRO A 448 -5.75 -17.19 18.43
CA PRO A 448 -6.63 -16.79 19.54
C PRO A 448 -6.55 -15.30 19.84
N PHE A 449 -5.35 -14.72 19.72
CA PHE A 449 -5.16 -13.31 20.00
C PHE A 449 -5.68 -12.38 18.89
N TYR A 450 -6.46 -12.95 17.98
CA TYR A 450 -7.08 -12.19 16.91
C TYR A 450 -8.56 -12.52 16.70
N GLU A 451 -8.98 -13.69 17.21
CA GLU A 451 -10.39 -14.12 17.18
C GLU A 451 -11.29 -12.97 17.63
N LYS A 452 -10.84 -12.27 18.68
CA LYS A 452 -11.38 -10.95 19.04
C LYS A 452 -10.28 -9.90 18.91
N ASN A 453 -10.68 -8.63 18.87
CA ASN A 453 -9.73 -7.52 18.80
C ASN A 453 -8.99 -7.40 20.13
N ARG A 454 -7.67 -7.57 20.08
CA ARG A 454 -6.86 -7.64 21.29
C ARG A 454 -5.56 -6.86 21.20
N LEU A 455 -4.75 -7.16 20.19
CA LEU A 455 -3.37 -6.67 20.11
C LEU A 455 -3.15 -5.57 19.08
N THR A 456 -4.22 -4.94 18.61
CA THR A 456 -4.10 -3.90 17.59
C THR A 456 -3.27 -2.72 18.10
N TRP A 457 -3.60 -2.22 19.29
CA TRP A 457 -2.83 -1.16 19.95
C TRP A 457 -1.43 -1.64 20.29
N PHE A 458 -1.31 -2.92 20.64
CA PHE A 458 -0.06 -3.47 21.15
C PHE A 458 0.98 -3.64 20.06
N ASP A 459 0.55 -4.17 18.92
CA ASP A 459 1.46 -4.45 17.82
C ASP A 459 2.09 -3.18 17.28
N GLU A 460 1.24 -2.23 16.89
CA GLU A 460 1.70 -0.92 16.43
C GLU A 460 2.34 -0.10 17.57
N GLY A 461 1.74 -0.19 18.76
CA GLY A 461 2.18 0.56 19.93
C GLY A 461 3.60 0.22 20.30
N THR A 462 3.83 -1.05 20.64
CA THR A 462 5.16 -1.50 21.07
C THR A 462 6.18 -1.44 19.93
N ALA A 463 5.70 -1.37 18.70
CA ALA A 463 6.57 -1.19 17.53
C ALA A 463 7.18 0.20 17.51
N GLU A 464 6.33 1.23 17.53
CA GLU A 464 6.81 2.61 17.60
C GLU A 464 7.71 2.79 18.82
N PHE A 465 7.36 2.12 19.92
CA PHE A 465 8.11 2.15 21.18
C PHE A 465 9.51 1.54 21.04
N PHE A 466 9.56 0.27 20.64
CA PHE A 466 10.83 -0.44 20.50
C PHE A 466 11.75 0.17 19.45
N ALA A 467 11.17 0.94 18.54
CA ALA A 467 11.95 1.70 17.55
C ALA A 467 12.75 2.81 18.22
N GLY A 468 12.52 3.00 19.51
CA GLY A 468 13.29 3.95 20.30
C GLY A 468 14.44 3.33 21.06
N SER A 469 14.77 2.08 20.72
CA SER A 469 15.85 1.35 21.38
C SER A 469 17.19 2.08 21.30
N THR A 470 18.04 1.89 22.30
CA THR A 470 19.39 2.46 22.33
C THR A 470 20.36 1.36 22.66
N ARG A 471 21.66 1.68 22.70
CA ARG A 471 22.67 0.70 23.02
C ARG A 471 22.74 0.44 24.53
N THR A 472 22.77 1.53 25.31
CA THR A 472 23.01 1.43 26.76
C THR A 472 21.99 2.16 27.64
N SER A 473 20.96 2.75 27.02
CA SER A 473 20.00 3.56 27.78
C SER A 473 18.61 2.97 27.79
N GLY A 474 18.51 1.67 27.50
CA GLY A 474 17.22 1.01 27.38
C GLY A 474 16.43 1.57 26.20
N VAL A 475 15.14 1.79 26.42
CA VAL A 475 14.26 2.34 25.39
C VAL A 475 13.87 3.78 25.72
N LEU A 476 14.01 4.65 24.73
CA LEU A 476 13.79 6.08 24.93
C LEU A 476 12.72 6.60 23.99
N PRO A 477 11.98 7.64 24.43
CA PRO A 477 10.96 8.28 23.59
C PRO A 477 11.53 8.88 22.31
N ARG A 478 10.71 8.87 21.25
CA ARG A 478 11.08 9.43 19.96
C ARG A 478 10.49 10.82 19.80
N LYS A 479 11.33 11.78 19.44
CA LYS A 479 10.94 13.19 19.36
C LYS A 479 9.69 13.41 18.49
N LEU A 480 9.65 12.77 17.32
CA LEU A 480 8.56 12.92 16.37
C LEU A 480 7.23 12.35 16.88
N ILE A 481 7.31 11.29 17.68
CA ILE A 481 6.11 10.69 18.26
C ILE A 481 5.54 11.57 19.37
N LEU A 482 6.43 12.17 20.15
CA LEU A 482 6.05 13.16 21.13
C LEU A 482 5.55 14.40 20.41
N GLY A 483 6.15 14.66 19.24
CA GLY A 483 5.69 15.70 18.34
C GLY A 483 4.20 15.58 18.05
N TYR A 484 3.79 14.36 17.67
CA TYR A 484 2.37 14.08 17.40
C TYR A 484 1.47 14.32 18.61
N LEU A 485 2.00 14.03 19.80
CA LEU A 485 1.20 14.13 21.02
C LEU A 485 0.90 15.57 21.36
N ALA A 486 1.74 16.50 20.89
CA ALA A 486 1.45 17.93 20.97
C ALA A 486 0.32 18.32 20.00
N LYS A 487 -0.91 18.17 20.49
CA LYS A 487 -2.14 18.58 19.81
C LYS A 487 -3.26 18.61 20.87
N ASP A 488 -4.33 19.36 20.59
CA ASP A 488 -5.40 19.66 21.57
C ASP A 488 -5.70 18.59 22.65
N LYS A 489 -5.59 18.99 23.91
CA LYS A 489 -5.78 18.09 25.06
C LYS A 489 -7.23 17.70 25.29
N VAL A 490 -8.14 18.63 25.03
CA VAL A 490 -9.59 18.46 25.26
C VAL A 490 -10.09 17.35 24.36
N ASP A 491 -10.56 16.26 24.98
CA ASP A 491 -10.85 15.01 24.27
C ASP A 491 -9.60 14.60 23.50
N HIS A 492 -9.78 14.14 22.25
CA HIS A 492 -8.67 13.75 21.36
C HIS A 492 -7.71 12.77 22.01
N ARG A 493 -7.13 13.18 23.14
CA ARG A 493 -6.33 12.30 23.98
C ARG A 493 -7.19 11.13 24.40
N TYR A 494 -6.80 9.94 23.95
CA TYR A 494 -7.53 8.73 24.23
C TYR A 494 -7.49 8.40 25.72
N SER A 495 -8.55 7.74 26.18
CA SER A 495 -8.57 7.15 27.51
C SER A 495 -7.67 5.93 27.47
N LEU A 496 -7.26 5.44 28.64
CA LEU A 496 -6.54 4.18 28.71
C LEU A 496 -7.40 3.07 28.10
N LYS A 497 -8.68 3.05 28.47
CA LYS A 497 -9.62 2.08 27.93
C LYS A 497 -9.87 2.26 26.43
N LYS A 498 -9.81 3.52 25.97
CA LYS A 498 -10.08 3.83 24.56
C LYS A 498 -8.94 3.38 23.65
N THR A 499 -7.71 3.43 24.15
CA THR A 499 -6.56 2.93 23.42
C THR A 499 -6.55 1.41 23.38
N LEU A 500 -6.87 0.80 24.52
CA LEU A 500 -6.86 -0.66 24.65
C LEU A 500 -7.85 -1.32 23.69
N ASN A 501 -8.92 -0.60 23.35
CA ASN A 501 -9.98 -1.12 22.48
C ASN A 501 -10.22 -0.27 21.23
N SER A 502 -9.90 -0.83 20.07
CA SER A 502 -10.10 -0.13 18.79
C SER A 502 -11.58 -0.06 18.39
N ASP A 506 -11.04 0.58 14.44
CA ASP A 506 -12.00 1.37 13.67
C ASP A 506 -11.81 2.87 13.87
N SER A 507 -10.94 3.24 14.82
CA SER A 507 -10.72 4.65 15.21
C SER A 507 -9.83 5.43 14.23
N ASP A 508 -9.26 6.53 14.71
CA ASP A 508 -8.47 7.44 13.86
C ASP A 508 -6.95 7.34 14.01
N TRP A 509 -6.25 8.01 13.09
CA TRP A 509 -4.80 7.96 12.90
C TRP A 509 -3.90 7.98 14.14
N MET A 510 -4.34 8.64 15.21
CA MET A 510 -3.52 8.82 16.41
C MET A 510 -3.36 7.56 17.27
N PHE A 511 -3.96 6.46 16.84
CA PHE A 511 -3.95 5.20 17.58
C PHE A 511 -2.52 4.67 17.83
N TYR A 512 -1.64 4.86 16.85
CA TYR A 512 -0.24 4.45 16.97
C TYR A 512 0.50 5.21 18.06
N ASN A 513 0.14 6.49 18.25
CA ASN A 513 0.84 7.37 19.17
C ASN A 513 0.35 7.28 20.62
N TYR A 514 -0.93 7.00 20.80
CA TYR A 514 -1.45 6.74 22.14
C TYR A 514 -1.25 5.29 22.54
N GLY A 515 -1.16 4.42 21.53
CA GLY A 515 -0.80 3.01 21.74
C GLY A 515 0.63 2.90 22.25
N PHE A 516 1.52 3.68 21.64
CA PHE A 516 2.87 3.87 22.15
C PHE A 516 2.85 4.44 23.57
N ALA A 517 1.99 5.44 23.79
CA ALA A 517 1.88 6.11 25.07
C ALA A 517 1.53 5.12 26.18
N VAL A 518 0.72 4.12 25.85
CA VAL A 518 0.37 3.07 26.81
C VAL A 518 1.59 2.19 27.08
N ALA A 519 2.30 1.83 26.01
CA ALA A 519 3.46 0.97 26.11
C ALA A 519 4.57 1.60 26.95
N HIS A 520 4.91 2.85 26.66
CA HIS A 520 5.93 3.58 27.43
C HIS A 520 5.49 3.80 28.88
N TYR A 521 4.22 4.14 29.07
CA TYR A 521 3.64 4.32 30.39
C TYR A 521 3.92 3.13 31.28
N LEU A 522 3.64 1.94 30.76
CA LEU A 522 3.85 0.71 31.52
C LEU A 522 5.33 0.43 31.71
N TYR A 523 6.11 0.62 30.66
CA TYR A 523 7.56 0.45 30.71
C TYR A 523 8.23 1.31 31.77
N GLU A 524 7.75 2.53 31.93
CA GLU A 524 8.37 3.48 32.83
C GLU A 524 7.76 3.50 34.22
N LYS A 525 6.44 3.44 34.30
CA LYS A 525 5.74 3.56 35.58
C LYS A 525 5.29 2.24 36.23
N ASP A 526 5.07 1.21 35.41
CA ASP A 526 4.50 -0.04 35.89
C ASP A 526 5.04 -1.24 35.11
N MET A 527 6.32 -1.50 35.26
CA MET A 527 6.97 -2.63 34.55
C MET A 527 6.38 -4.01 34.85
N PRO A 528 5.93 -4.25 36.09
CA PRO A 528 5.38 -5.58 36.33
C PRO A 528 4.22 -5.93 35.37
N THR A 529 3.27 -5.02 35.23
CA THR A 529 2.13 -5.25 34.33
C THR A 529 2.62 -5.46 32.90
N PHE A 530 3.64 -4.69 32.52
CA PHE A 530 4.18 -4.74 31.18
C PHE A 530 4.87 -6.07 30.91
N ILE A 531 5.54 -6.60 31.93
CA ILE A 531 6.15 -7.91 31.85
C ILE A 531 5.08 -9.01 31.82
N LYS A 532 4.09 -8.89 32.70
CA LYS A 532 2.99 -9.85 32.75
C LYS A 532 2.20 -9.95 31.44
N MET A 533 1.99 -8.80 30.79
CA MET A 533 1.38 -8.76 29.46
C MET A 533 2.17 -9.62 28.49
N ASN A 534 3.47 -9.34 28.39
CA ASN A 534 4.30 -10.01 27.41
C ASN A 534 4.39 -11.50 27.67
N LYS A 535 4.46 -11.89 28.94
CA LYS A 535 4.48 -13.30 29.31
C LYS A 535 3.20 -14.03 28.90
N ALA A 536 2.06 -13.37 29.07
CA ALA A 536 0.77 -13.93 28.68
C ALA A 536 0.75 -14.21 27.18
N ILE A 537 1.08 -13.21 26.39
CA ILE A 537 1.14 -13.34 24.93
C ILE A 537 2.07 -14.49 24.55
N LEU A 538 3.21 -14.55 25.22
CA LEU A 538 4.22 -15.57 24.99
C LEU A 538 3.68 -16.97 25.31
N ASN A 539 3.03 -17.09 26.45
CA ASN A 539 2.42 -18.36 26.85
C ASN A 539 1.03 -18.52 26.26
N THR A 540 0.72 -17.70 25.26
CA THR A 540 -0.60 -17.61 24.66
C THR A 540 -1.72 -17.83 25.69
N ASP A 541 -1.70 -17.02 26.74
CA ASP A 541 -2.67 -17.10 27.81
C ASP A 541 -3.70 -16.00 27.62
N VAL A 542 -4.64 -16.26 26.73
CA VAL A 542 -5.70 -15.32 26.40
C VAL A 542 -6.48 -14.83 27.61
N LYS A 543 -6.84 -15.73 28.52
CA LYS A 543 -7.60 -15.36 29.71
C LYS A 543 -6.81 -14.44 30.66
N SER A 544 -5.49 -14.55 30.62
CA SER A 544 -4.63 -13.68 31.43
C SER A 544 -4.55 -12.28 30.84
N TYR A 545 -4.21 -12.21 29.55
CA TYR A 545 -4.10 -10.94 28.85
C TYR A 545 -5.38 -10.14 28.98
N ASP A 546 -6.52 -10.80 28.80
CA ASP A 546 -7.81 -10.15 28.88
C ASP A 546 -8.10 -9.63 30.29
N GLU A 547 -7.69 -10.38 31.30
CA GLU A 547 -7.80 -9.95 32.70
C GLU A 547 -6.99 -8.69 32.97
N ILE A 548 -5.85 -8.57 32.28
CA ILE A 548 -4.97 -7.42 32.40
C ILE A 548 -5.57 -6.20 31.73
N ILE A 549 -6.12 -6.40 30.53
CA ILE A 549 -6.80 -5.33 29.81
C ILE A 549 -8.05 -4.89 30.56
N LYS A 550 -8.72 -5.84 31.20
CA LYS A 550 -9.87 -5.59 32.05
C LYS A 550 -9.51 -4.67 33.22
N LYS A 551 -8.56 -5.11 34.04
CA LYS A 551 -8.13 -4.37 35.22
C LYS A 551 -7.64 -2.94 34.88
N LEU A 552 -6.93 -2.81 33.76
CA LEU A 552 -6.48 -1.49 33.29
C LEU A 552 -7.64 -0.59 32.88
N SER A 553 -8.55 -1.15 32.07
CA SER A 553 -9.65 -0.38 31.49
C SER A 553 -10.77 -0.03 32.48
N ASP A 554 -11.01 -0.90 33.46
CA ASP A 554 -12.03 -0.67 34.48
C ASP A 554 -11.55 0.21 35.63
N ASP A 555 -10.28 0.61 35.58
CA ASP A 555 -9.66 1.42 36.63
C ASP A 555 -9.54 2.88 36.22
N ALA A 556 -10.24 3.75 36.95
CA ALA A 556 -10.28 5.18 36.68
C ALA A 556 -8.98 5.84 37.12
N ASN A 557 -8.40 5.34 38.21
CA ASN A 557 -7.13 5.85 38.73
C ASN A 557 -5.97 5.55 37.79
N LYS A 558 -5.94 4.33 37.25
CA LYS A 558 -4.91 3.91 36.28
C LYS A 558 -4.94 4.75 35.01
N ASN A 559 -6.13 5.22 34.63
CA ASN A 559 -6.26 6.14 33.51
C ASN A 559 -5.75 7.53 33.87
N THR A 560 -6.05 7.99 35.08
CA THR A 560 -5.54 9.27 35.56
C THR A 560 -4.03 9.23 35.59
N GLU A 561 -3.50 8.09 36.05
CA GLU A 561 -2.07 7.81 36.07
C GLU A 561 -1.49 7.88 34.65
N TYR A 562 -2.24 7.31 33.70
CA TYR A 562 -1.85 7.30 32.30
C TYR A 562 -1.97 8.69 31.66
N GLN A 563 -3.06 9.39 31.97
CA GLN A 563 -3.31 10.73 31.44
C GLN A 563 -2.21 11.70 31.83
N ASN A 564 -1.66 11.52 33.02
CA ASN A 564 -0.52 12.32 33.49
C ASN A 564 0.74 12.00 32.71
N HIS A 565 0.92 10.71 32.38
CA HIS A 565 2.11 10.27 31.67
C HIS A 565 2.23 10.95 30.31
N ILE A 566 1.12 10.99 29.58
CA ILE A 566 1.04 11.69 28.29
C ILE A 566 1.56 13.13 28.40
N GLN A 567 1.19 13.82 29.48
CA GLN A 567 1.65 15.18 29.70
C GLN A 567 3.17 15.26 29.90
N GLU A 568 3.72 14.31 30.65
CA GLU A 568 5.16 14.23 30.85
C GLU A 568 5.90 13.98 29.53
N LEU A 569 5.33 13.11 28.70
CA LEU A 569 5.87 12.82 27.39
C LEU A 569 5.82 14.06 26.50
N VAL A 570 4.72 14.80 26.58
CA VAL A 570 4.60 16.05 25.84
C VAL A 570 5.65 17.05 26.35
N ASP A 571 5.80 17.11 27.66
CA ASP A 571 6.79 17.99 28.29
C ASP A 571 8.22 17.65 27.89
N LYS A 572 8.48 16.39 27.59
CA LYS A 572 9.84 15.95 27.25
C LYS A 572 10.26 16.31 25.83
N TYR A 573 9.30 16.72 25.00
CA TYR A 573 9.52 16.97 23.57
C TYR A 573 10.69 17.91 23.24
N GLN A 574 10.78 19.03 23.97
CA GLN A 574 11.83 20.01 23.74
C GLN A 574 13.22 19.37 23.75
N GLY A 575 13.57 18.74 24.86
CA GLY A 575 14.87 18.08 25.02
C GLY A 575 14.86 16.61 24.65
N ALA A 576 13.88 16.20 23.84
CA ALA A 576 13.83 14.83 23.35
C ALA A 576 14.83 14.61 22.20
N GLY A 577 15.07 13.35 21.88
CA GLY A 577 15.96 12.99 20.78
C GLY A 577 15.39 11.91 19.88
N ILE A 578 16.13 11.61 18.82
CA ILE A 578 15.78 10.50 17.95
C ILE A 578 16.89 9.46 18.06
N PRO A 579 16.67 8.42 18.89
CA PRO A 579 17.64 7.34 19.06
C PRO A 579 17.94 6.65 17.74
N LEU A 580 19.18 6.83 17.28
CA LEU A 580 19.65 6.21 16.06
C LEU A 580 20.98 5.50 16.35
N VAL A 581 21.47 4.76 15.37
CA VAL A 581 22.74 4.07 15.51
C VAL A 581 23.90 5.06 15.43
N SER A 582 24.85 4.90 16.36
CA SER A 582 26.00 5.78 16.49
C SER A 582 27.02 5.59 15.36
N ASP A 583 27.74 6.68 15.03
CA ASP A 583 28.81 6.64 14.04
C ASP A 583 29.97 5.76 14.48
N ASP A 584 30.12 5.58 15.78
CA ASP A 584 31.12 4.69 16.36
C ASP A 584 31.05 3.30 15.74
N TYR A 585 29.84 2.85 15.42
CA TYR A 585 29.60 1.57 14.76
C TYR A 585 30.34 1.42 13.43
N LEU A 586 30.49 2.52 12.70
CA LEU A 586 31.08 2.49 11.36
C LEU A 586 32.60 2.62 11.36
N LYS A 587 33.16 3.12 12.45
CA LYS A 587 34.61 3.29 12.57
C LYS A 587 35.36 1.97 12.39
N ASP A 588 36.50 2.05 11.71
CA ASP A 588 37.41 0.90 11.58
C ASP A 588 38.11 0.69 12.91
N HIS A 589 37.74 -0.38 13.61
CA HIS A 589 38.12 -0.59 15.01
C HIS A 589 39.51 -1.17 15.20
N GLY A 590 39.95 -1.96 14.23
CA GLY A 590 41.27 -2.59 14.28
C GLY A 590 41.24 -3.94 14.94
N TYR A 591 42.35 -4.67 14.81
CA TYR A 591 42.46 -6.04 15.32
C TYR A 591 42.57 -6.11 16.84
N LYS A 592 41.81 -7.05 17.41
CA LYS A 592 41.96 -7.46 18.80
C LYS A 592 41.76 -8.96 18.84
N LYS A 593 42.66 -9.67 19.53
CA LYS A 593 42.57 -11.13 19.65
C LYS A 593 41.20 -11.52 20.18
N ALA A 594 40.52 -12.42 19.47
CA ALA A 594 39.14 -12.81 19.80
C ALA A 594 39.00 -13.32 21.23
N SER A 595 40.00 -14.10 21.67
CA SER A 595 40.06 -14.64 23.03
C SER A 595 40.00 -13.53 24.08
N GLU A 596 40.75 -12.45 23.82
CA GLU A 596 40.82 -11.30 24.73
C GLU A 596 39.45 -10.66 24.99
N VAL A 597 38.68 -10.48 23.92
CA VAL A 597 37.35 -9.87 24.01
C VAL A 597 36.38 -10.71 24.84
N TYR A 598 36.41 -12.03 24.63
CA TYR A 598 35.53 -12.94 25.34
C TYR A 598 35.83 -12.97 26.84
N SER A 599 37.09 -13.23 27.18
CA SER A 599 37.56 -13.22 28.56
C SER A 599 37.14 -11.94 29.25
N GLU A 600 37.45 -10.80 28.61
CA GLU A 600 37.14 -9.48 29.14
C GLU A 600 35.64 -9.27 29.33
N ILE A 601 34.83 -9.79 28.41
CA ILE A 601 33.38 -9.71 28.55
C ILE A 601 32.88 -10.68 29.63
N SER A 602 33.32 -11.93 29.58
CA SER A 602 32.92 -12.94 30.57
C SER A 602 33.21 -12.48 32.00
N LYS A 603 34.39 -11.90 32.20
CA LYS A 603 34.76 -11.35 33.50
C LYS A 603 33.85 -10.19 33.89
N ALA A 604 33.64 -9.26 32.96
CA ALA A 604 32.89 -8.04 33.24
C ALA A 604 31.44 -8.32 33.66
N ALA A 605 30.76 -9.18 32.91
CA ALA A 605 29.34 -9.46 33.16
C ALA A 605 29.14 -10.63 34.11
N SER A 606 30.26 -11.13 34.66
CA SER A 606 30.24 -12.24 35.61
C SER A 606 29.48 -13.44 35.07
N LEU A 607 29.88 -13.90 33.89
CA LEU A 607 29.21 -15.03 33.25
C LEU A 607 29.94 -16.34 33.46
N THR A 608 29.20 -17.41 33.64
CA THR A 608 29.78 -18.75 33.79
C THR A 608 29.22 -19.63 32.69
N ASN A 609 29.93 -20.71 32.37
CA ASN A 609 29.51 -21.64 31.32
C ASN A 609 29.11 -20.92 30.02
N THR A 610 30.13 -20.42 29.33
CA THR A 610 29.91 -19.59 28.14
C THR A 610 30.29 -20.28 26.84
N SER A 611 29.47 -20.09 25.82
CA SER A 611 29.83 -20.46 24.46
C SER A 611 29.84 -19.21 23.59
N VAL A 612 30.44 -19.33 22.41
CA VAL A 612 30.45 -18.26 21.43
C VAL A 612 30.45 -18.81 20.00
N THR A 613 29.62 -18.19 19.16
CA THR A 613 29.64 -18.44 17.73
C THR A 613 30.06 -17.15 17.03
N ALA A 614 30.75 -17.29 15.92
CA ALA A 614 31.11 -16.17 15.07
C ALA A 614 30.35 -16.27 13.77
N GLU A 615 30.17 -15.15 13.09
CA GLU A 615 29.40 -15.13 11.86
C GLU A 615 29.92 -14.10 10.86
N LYS A 616 30.08 -14.52 9.62
CA LYS A 616 30.60 -13.66 8.57
C LYS A 616 29.48 -12.83 7.96
N SER A 617 29.80 -11.56 7.73
CA SER A 617 28.90 -10.64 7.05
C SER A 617 29.62 -9.99 5.88
N GLN A 618 28.88 -9.21 5.09
CA GLN A 618 29.41 -8.49 3.93
C GLN A 618 30.67 -7.69 4.27
N TYR A 619 30.52 -6.73 5.18
CA TYR A 619 31.55 -5.73 5.44
C TYR A 619 32.43 -6.03 6.65
N PHE A 620 32.02 -7.00 7.46
CA PHE A 620 32.72 -7.32 8.69
C PHE A 620 32.31 -8.68 9.23
N ASN A 621 32.97 -9.11 10.31
CA ASN A 621 32.59 -10.31 11.05
C ASN A 621 32.03 -9.95 12.41
N THR A 622 31.27 -10.88 12.98
CA THR A 622 30.61 -10.64 14.26
C THR A 622 30.59 -11.89 15.13
N PHE A 623 30.49 -11.67 16.44
CA PHE A 623 30.40 -12.74 17.42
C PHE A 623 29.16 -12.58 18.30
N THR A 624 28.52 -13.71 18.60
CA THR A 624 27.47 -13.72 19.61
C THR A 624 27.93 -14.63 20.74
N LEU A 625 28.06 -14.05 21.94
CA LEU A 625 28.55 -14.76 23.11
C LEU A 625 27.46 -14.98 24.14
N ARG A 626 27.20 -16.25 24.45
CA ARG A 626 26.17 -16.62 25.41
C ARG A 626 26.79 -17.08 26.71
N GLY A 627 26.03 -16.95 27.79
CA GLY A 627 26.48 -17.37 29.11
C GLY A 627 25.37 -17.33 30.15
N THR A 628 25.71 -17.78 31.35
CA THR A 628 24.79 -17.76 32.48
C THR A 628 25.32 -16.80 33.53
N TYR A 629 24.49 -15.83 33.91
CA TYR A 629 24.80 -14.95 35.04
C TYR A 629 23.98 -15.37 36.24
N THR A 630 24.64 -15.45 37.38
CA THR A 630 23.97 -15.84 38.61
C THR A 630 24.42 -14.92 39.76
N GLY A 631 23.51 -14.05 40.20
CA GLY A 631 23.83 -13.01 41.18
C GLY A 631 23.55 -13.37 42.62
N GLU A 632 23.16 -12.36 43.40
CA GLU A 632 22.87 -12.54 44.82
C GLU A 632 21.39 -12.86 45.04
N THR A 633 20.98 -13.02 46.30
CA THR A 633 19.60 -13.33 46.64
C THR A 633 18.63 -12.32 46.05
N SER A 634 17.52 -12.83 45.51
CA SER A 634 16.56 -12.04 44.75
C SER A 634 15.80 -11.00 45.56
N LYS A 635 15.41 -9.92 44.89
CA LYS A 635 14.56 -8.90 45.49
C LYS A 635 13.15 -8.97 44.90
N GLY A 636 12.88 -10.00 44.12
CA GLY A 636 11.61 -10.15 43.42
C GLY A 636 11.76 -9.85 41.93
N GLU A 637 11.17 -10.72 41.10
CA GLU A 637 11.31 -10.70 39.64
C GLU A 637 11.46 -9.32 39.01
N PHE A 638 10.63 -8.38 39.45
CA PHE A 638 10.55 -7.05 38.83
C PHE A 638 11.62 -6.07 39.32
N LYS A 639 12.04 -6.23 40.58
CA LYS A 639 13.19 -5.48 41.07
C LYS A 639 14.45 -6.09 40.43
N ASP A 640 14.46 -7.41 40.30
CA ASP A 640 15.56 -8.11 39.66
C ASP A 640 15.77 -7.61 38.22
N TRP A 641 14.68 -7.57 37.47
CA TRP A 641 14.73 -7.10 36.07
C TRP A 641 15.30 -5.70 36.03
N ASP A 642 14.81 -4.84 36.92
CA ASP A 642 15.22 -3.44 36.94
C ASP A 642 16.71 -3.30 37.24
N GLU A 643 17.20 -4.12 38.17
CA GLU A 643 18.61 -4.11 38.52
C GLU A 643 19.48 -4.68 37.41
N MET A 644 19.12 -5.87 36.93
CA MET A 644 19.80 -6.48 35.79
C MET A 644 20.06 -5.51 34.67
N SER A 645 19.03 -4.76 34.31
CA SER A 645 19.13 -3.72 33.30
C SER A 645 20.25 -2.75 33.63
N LYS A 646 20.16 -2.14 34.81
CA LYS A 646 21.16 -1.18 35.26
C LYS A 646 22.55 -1.81 35.33
N LYS A 647 22.60 -3.06 35.81
CA LYS A 647 23.82 -3.83 35.86
C LYS A 647 24.40 -4.00 34.46
N LEU A 648 23.60 -4.56 33.55
CA LEU A 648 24.08 -4.91 32.22
C LEU A 648 24.46 -3.67 31.39
N ASP A 649 23.65 -2.61 31.46
CA ASP A 649 23.95 -1.38 30.74
C ASP A 649 25.26 -0.78 31.22
N GLY A 650 25.51 -0.85 32.52
CA GLY A 650 26.76 -0.36 33.12
C GLY A 650 27.98 -1.13 32.63
N THR A 651 27.83 -2.45 32.52
CA THR A 651 28.86 -3.34 31.98
C THR A 651 29.18 -3.00 30.53
N LEU A 652 28.16 -2.59 29.78
CA LEU A 652 28.35 -2.16 28.39
C LEU A 652 29.08 -0.83 28.28
N GLU A 653 28.77 0.09 29.20
CA GLU A 653 29.38 1.41 29.20
C GLU A 653 30.82 1.38 29.67
N SER A 654 31.09 0.60 30.71
CA SER A 654 32.44 0.49 31.26
C SER A 654 33.36 -0.20 30.27
N LEU A 655 32.86 -1.26 29.63
CA LEU A 655 33.62 -1.96 28.60
C LEU A 655 34.01 -1.01 27.46
N ALA A 656 33.14 -0.05 27.17
CA ALA A 656 33.38 0.94 26.11
C ALA A 656 34.50 1.93 26.45
N LYS A 657 34.87 1.99 27.72
CA LYS A 657 35.96 2.85 28.20
C LYS A 657 37.34 2.27 27.88
N ASN A 658 37.40 0.98 27.54
CA ASN A 658 38.64 0.31 27.14
C ASN A 658 39.09 0.82 25.76
N SER A 659 40.40 0.86 25.53
CA SER A 659 40.94 1.47 24.31
C SER A 659 40.56 0.79 22.98
N TRP A 660 39.98 -0.41 23.05
CA TRP A 660 39.49 -1.07 21.83
C TRP A 660 38.18 -0.45 21.34
N SER A 661 38.27 0.15 20.16
CA SER A 661 37.15 0.80 19.50
C SER A 661 35.95 -0.13 19.31
N GLY A 662 36.23 -1.42 19.15
CA GLY A 662 35.20 -2.42 18.89
C GLY A 662 34.29 -2.75 20.05
N TYR A 663 34.59 -2.21 21.23
CA TYR A 663 33.72 -2.44 22.39
C TYR A 663 32.45 -1.59 22.31
N LYS A 664 32.48 -0.56 21.47
CA LYS A 664 31.33 0.31 21.28
C LYS A 664 30.28 -0.31 20.33
N THR A 665 30.57 -1.50 19.83
CA THR A 665 29.66 -2.23 18.94
C THR A 665 28.79 -3.20 19.72
N LEU A 666 29.14 -3.44 20.97
CA LEU A 666 28.44 -4.39 21.82
C LEU A 666 26.96 -4.05 22.04
N THR A 667 26.13 -5.08 21.97
CA THR A 667 24.74 -5.03 22.42
C THR A 667 24.54 -6.28 23.26
N ALA A 668 23.71 -6.17 24.29
CA ALA A 668 23.54 -7.26 25.24
C ALA A 668 22.14 -7.34 25.80
N TYR A 669 21.70 -8.54 26.12
CA TYR A 669 20.40 -8.76 26.72
C TYR A 669 20.38 -9.98 27.65
N PHE A 670 19.26 -10.14 28.35
CA PHE A 670 19.06 -11.24 29.28
C PHE A 670 17.67 -11.87 29.13
N THR A 671 17.62 -13.19 29.15
CA THR A 671 16.37 -13.92 28.96
C THR A 671 16.25 -15.02 30.00
N ASN A 672 15.10 -15.70 29.99
CA ASN A 672 14.86 -16.85 30.85
C ASN A 672 15.20 -16.61 32.32
N TYR A 673 14.43 -15.74 32.96
CA TYR A 673 14.64 -15.44 34.36
C TYR A 673 14.20 -16.59 35.26
N ARG A 674 15.01 -16.85 36.29
CA ARG A 674 14.68 -17.81 37.34
C ARG A 674 15.49 -17.51 38.61
N VAL A 675 15.18 -18.24 39.68
CA VAL A 675 16.00 -18.19 40.89
C VAL A 675 16.47 -19.59 41.28
N THR A 676 17.67 -19.69 41.85
CA THR A 676 18.22 -20.99 42.22
C THR A 676 17.57 -21.52 43.51
N SER A 677 17.92 -22.75 43.87
CA SER A 677 17.45 -23.38 45.10
C SER A 677 17.74 -22.54 46.34
N ASP A 678 18.61 -21.53 46.20
CA ASP A 678 18.98 -20.65 47.31
C ASP A 678 18.54 -19.21 47.10
N ASN A 679 17.56 -19.02 46.21
CA ASN A 679 16.98 -17.71 45.89
C ASN A 679 17.90 -16.72 45.16
N LYS A 680 19.01 -17.21 44.62
CA LYS A 680 19.96 -16.37 43.89
C LYS A 680 19.43 -16.08 42.49
N VAL A 681 19.44 -14.80 42.13
CA VAL A 681 19.03 -14.30 40.81
C VAL A 681 19.77 -15.04 39.70
N GLN A 682 19.03 -15.52 38.70
CA GLN A 682 19.66 -16.19 37.57
C GLN A 682 19.05 -15.81 36.22
N TYR A 683 19.90 -15.42 35.28
CA TYR A 683 19.49 -15.06 33.93
C TYR A 683 20.38 -15.75 32.92
N ASP A 684 19.93 -15.82 31.67
CA ASP A 684 20.80 -16.14 30.56
C ASP A 684 21.20 -14.83 29.92
N VAL A 685 22.50 -14.66 29.63
CA VAL A 685 22.97 -13.39 29.09
C VAL A 685 23.62 -13.55 27.72
N VAL A 686 23.31 -12.64 26.81
CA VAL A 686 23.84 -12.68 25.44
C VAL A 686 24.56 -11.38 25.08
N PHE A 687 25.74 -11.51 24.46
CA PHE A 687 26.53 -10.39 23.97
C PHE A 687 26.75 -10.51 22.47
N HIS A 688 26.65 -9.38 21.77
CA HIS A 688 26.89 -9.35 20.33
C HIS A 688 27.69 -8.12 19.95
N GLY A 689 28.78 -8.32 19.21
CA GLY A 689 29.65 -7.23 18.76
C GLY A 689 30.45 -7.58 17.52
N VAL A 690 31.27 -6.62 17.08
CA VAL A 690 32.14 -6.80 15.91
C VAL A 690 33.30 -7.74 16.25
N LEU A 691 33.82 -8.42 15.23
CA LEU A 691 34.96 -9.31 15.40
C LEU A 691 36.02 -9.03 14.33
N THR A 692 37.23 -8.67 14.80
CA THR A 692 38.30 -8.25 13.91
C THR A 692 39.42 -9.28 13.82
N ASP A 693 39.36 -10.27 14.70
CA ASP A 693 40.23 -11.44 14.63
C ASP A 693 39.56 -12.44 13.68
N ASN A 694 40.29 -12.85 12.64
CA ASN A 694 39.75 -13.78 11.64
C ASN A 694 39.93 -15.26 12.03
N GLY A 695 38.84 -16.01 11.98
CA GLY A 695 38.85 -17.46 12.28
C GLY A 695 39.11 -17.77 13.74
P IPI B 1 3.01 -0.51 9.20
O1 IPI B 1 3.86 -1.48 8.46
O2 IPI B 1 2.69 -1.13 10.65
C5 IPI B 1 1.43 -0.26 8.34
C4 IPI B 1 0.88 -1.59 7.81
C2 IPI B 1 -0.08 -2.24 8.80
C3 IPI B 1 0.51 -3.51 9.41
C1 IPI B 1 -1.42 -2.55 8.13
N GLY B 2 3.87 1.02 9.38
CA GLY B 2 3.74 2.02 8.34
C GLY B 2 4.60 3.25 8.56
N PRO B 3 4.36 4.01 9.61
CA PRO B 3 3.44 5.14 9.53
C PRO B 3 3.30 5.68 8.12
N ALA B 4 3.99 6.80 7.80
CA ALA B 4 4.65 7.11 6.55
C ALA B 4 4.76 8.60 6.41
ZN ZN C . 3.69 -1.40 12.45
CAC FLC D . 15.11 2.50 31.20
CA FLC D . 15.29 1.07 31.63
CB FLC D . 14.99 0.92 33.13
CBC FLC D . 16.24 0.57 33.87
CG FLC D . 13.95 -0.17 33.40
CGC FLC D . 12.55 0.37 33.20
OA1 FLC D . 16.10 3.13 30.79
OA2 FLC D . 13.95 2.99 31.27
OB1 FLC D . 17.35 0.69 33.30
OB2 FLC D . 16.11 0.21 35.04
OG1 FLC D . 11.75 0.37 34.17
OG2 FLC D . 12.25 0.81 32.07
OHB FLC D . 14.50 2.14 33.66
C TRS E . -19.86 3.34 -18.15
C1 TRS E . -18.61 2.68 -18.73
C2 TRS E . -20.63 2.30 -17.31
C3 TRS E . -20.70 3.84 -19.33
N TRS E . -19.46 4.47 -17.27
O1 TRS E . -17.49 2.87 -17.87
O2 TRS E . -21.77 2.89 -16.67
O3 TRS E . -21.90 4.50 -18.87
C TRS F . 23.15 5.78 22.97
C1 TRS F . 23.79 4.79 23.94
C2 TRS F . 22.19 6.67 23.78
C3 TRS F . 22.37 4.98 21.91
N TRS F . 24.22 6.60 22.33
O1 TRS F . 25.21 4.84 23.83
O2 TRS F . 21.73 7.81 23.03
O3 TRS F . 22.59 5.45 20.58
C TRS G . 10.45 -10.35 -22.12
C1 TRS G . 9.16 -11.14 -21.90
C2 TRS G . 10.09 -9.02 -22.80
C3 TRS G . 11.38 -11.18 -23.03
N TRS G . 11.10 -10.07 -20.81
O1 TRS G . 9.34 -12.13 -20.87
O2 TRS G . 11.11 -8.04 -22.60
O3 TRS G . 12.63 -10.51 -23.30
C1 PEG H . 9.53 -22.28 22.82
O1 PEG H . 10.56 -22.16 21.83
C2 PEG H . 9.71 -21.20 23.89
O2 PEG H . 8.51 -20.44 24.00
C3 PEG H . 8.01 -20.39 25.33
C4 PEG H . 6.48 -20.49 25.30
O4 PEG H . 6.05 -21.31 26.40
C1 PEG I . 10.79 6.87 36.56
O1 PEG I . 10.67 8.03 35.73
C2 PEG I . 9.46 6.60 37.24
O2 PEG I . 9.69 5.76 38.38
C3 PEG I . 8.50 5.12 38.82
C4 PEG I . 8.88 3.84 39.58
O4 PEG I . 7.77 3.40 40.37
OH2 1PE J . -5.80 15.24 -14.31
C12 1PE J . -4.98 15.11 -15.48
C22 1PE J . -5.80 14.58 -16.64
OH3 1PE J . -6.81 13.71 -16.14
C13 1PE J . -8.56 12.09 -16.51
C23 1PE J . -7.41 12.88 -17.14
OH4 1PE J . -8.55 10.75 -16.99
C14 1PE J . -7.17 8.98 -16.07
C24 1PE J . -8.46 9.79 -15.94
OH5 1PE J . -7.46 7.58 -16.08
C15 1PE J . -5.89 5.80 -16.57
C25 1PE J . -6.39 6.80 -15.54
OH6 1PE J . -6.10 4.46 -16.10
C16 1PE J . -5.60 2.19 -16.75
C26 1PE J . -6.19 3.53 -17.17
OH7 1PE J . -6.32 1.14 -17.39
#